data_1I1L
#
_entry.id   1I1L
#
_cell.length_a   156.090
_cell.length_b   100.770
_cell.length_c   141.560
_cell.angle_alpha   90.00
_cell.angle_beta   90.00
_cell.angle_gamma   90.00
#
_symmetry.space_group_name_H-M   'C 2 2 21'
#
loop_
_entity.id
_entity.type
_entity.pdbx_description
1 polymer 'BRANCHED-CHAIN AMINO ACID AMINOTRANSFERASE'
2 non-polymer "PYRIDOXAL-5'-PHOSPHATE"
3 non-polymer 2-METHYLLEUCINE
4 water water
#
_entity_poly.entity_id   1
_entity_poly.type   'polypeptide(L)'
_entity_poly.pdbx_seq_one_letter_code
;MTTKKADYIWFNGEMVRWEDAKVHVMSHALHYGTSVFEGIRCYDSHKGPVVFRHREHMQRLHDSAKIYRFPVSQSIDELM
EACRDVIRKNNLTSAYIRPLIFVGDVGMGVNPPAGYSTDVIIAAFPWGAYLGAEALEQGIDAMVSSWNRAAPNTIPTAAK
AGGNYLSSLLVGSEARRHGYQEGIALDVNGYISEGAGENLFEVKDGVLFTPPFTSSALPGITRDAIIKLAKELGIEVREQ
VLSRESLYLADEVFMSGTAAEITPVRSVDGIQVGEGRCGPVTKRIQQAFFGLFTGETEDKWGWLDQVNQ
;
_entity_poly.pdbx_strand_id   A,B,C
#
loop_
_chem_comp.id
_chem_comp.type
_chem_comp.name
_chem_comp.formula
PLP non-polymer PYRIDOXAL-5'-PHOSPHATE 'C8 H10 N O6 P'
#
# COMPACT_ATOMS: atom_id res chain seq x y z
N LYS A 5 42.38 -5.59 -1.18
CA LYS A 5 43.66 -5.88 -1.90
C LYS A 5 43.86 -7.40 -2.09
N ALA A 6 44.25 -7.79 -3.31
CA ALA A 6 44.48 -9.18 -3.67
C ALA A 6 45.47 -9.22 -4.82
N ASP A 7 45.73 -10.40 -5.36
CA ASP A 7 46.70 -10.53 -6.45
C ASP A 7 46.18 -10.34 -7.88
N TYR A 8 44.99 -10.85 -8.17
CA TYR A 8 44.45 -10.71 -9.52
C TYR A 8 43.00 -10.24 -9.59
N ILE A 9 42.66 -9.64 -10.72
CA ILE A 9 41.32 -9.13 -10.97
C ILE A 9 40.94 -9.61 -12.37
N TRP A 10 39.74 -10.19 -12.50
CA TRP A 10 39.27 -10.67 -13.78
C TRP A 10 38.84 -9.44 -14.56
N PHE A 11 39.43 -9.24 -15.73
CA PHE A 11 39.17 -8.07 -16.56
C PHE A 11 38.91 -8.47 -18.02
N ASN A 12 37.66 -8.40 -18.45
CA ASN A 12 37.27 -8.75 -19.81
C ASN A 12 37.75 -10.13 -20.26
N GLY A 13 37.67 -11.11 -19.37
CA GLY A 13 38.07 -12.47 -19.72
C GLY A 13 39.48 -12.86 -19.33
N GLU A 14 40.29 -11.90 -18.87
CA GLU A 14 41.66 -12.22 -18.49
C GLU A 14 42.02 -11.92 -17.05
N MET A 15 42.82 -12.81 -16.45
CA MET A 15 43.27 -12.60 -15.07
C MET A 15 44.45 -11.63 -15.12
N VAL A 16 44.20 -10.40 -14.74
CA VAL A 16 45.21 -9.35 -14.74
C VAL A 16 45.68 -9.10 -13.31
N ARG A 17 46.93 -8.72 -13.13
CA ARG A 17 47.46 -8.41 -11.81
C ARG A 17 46.72 -7.19 -11.29
N TRP A 18 46.41 -7.18 -10.00
CA TRP A 18 45.68 -6.07 -9.39
C TRP A 18 46.20 -4.69 -9.78
N GLU A 19 47.52 -4.51 -9.72
CA GLU A 19 48.13 -3.22 -10.03
C GLU A 19 48.05 -2.78 -11.49
N ASP A 20 47.85 -3.72 -12.40
CA ASP A 20 47.76 -3.39 -13.83
C ASP A 20 46.31 -3.28 -14.32
N ALA A 21 45.35 -3.39 -13.39
CA ALA A 21 43.94 -3.28 -13.74
C ALA A 21 43.57 -1.80 -13.83
N LYS A 22 44.01 -1.17 -14.92
CA LYS A 22 43.78 0.24 -15.15
C LYS A 22 42.83 0.51 -16.29
N VAL A 23 42.22 1.70 -16.26
CA VAL A 23 41.25 2.10 -17.26
C VAL A 23 41.45 3.61 -17.53
N HIS A 24 41.20 4.05 -18.75
CA HIS A 24 41.40 5.47 -19.07
C HIS A 24 40.50 6.40 -18.28
N VAL A 25 41.04 7.57 -17.98
CA VAL A 25 40.32 8.58 -17.20
C VAL A 25 39.16 9.22 -17.97
N MET A 26 39.03 8.91 -19.26
CA MET A 26 37.95 9.45 -20.07
C MET A 26 36.87 8.39 -20.25
N SER A 27 36.88 7.37 -19.38
CA SER A 27 35.89 6.32 -19.40
C SER A 27 34.55 6.94 -19.02
N HIS A 28 33.53 6.64 -19.82
CA HIS A 28 32.18 7.15 -19.65
C HIS A 28 31.67 7.08 -18.20
N ALA A 29 31.80 5.92 -17.56
CA ALA A 29 31.32 5.73 -16.19
C ALA A 29 31.92 6.67 -15.14
N LEU A 30 33.13 7.16 -15.37
CA LEU A 30 33.77 8.09 -14.44
C LEU A 30 33.13 9.47 -14.50
N HIS A 31 32.57 9.80 -15.66
CA HIS A 31 31.93 11.09 -15.88
C HIS A 31 30.43 11.09 -15.70
N TYR A 32 29.78 9.98 -16.04
CA TYR A 32 28.32 9.90 -15.99
C TYR A 32 27.66 8.87 -15.09
N GLY A 33 28.44 8.21 -14.24
CA GLY A 33 27.87 7.21 -13.35
C GLY A 33 27.26 6.01 -14.05
N THR A 34 27.63 5.84 -15.31
CA THR A 34 27.12 4.74 -16.13
C THR A 34 27.76 3.37 -15.88
N SER A 35 27.46 2.81 -14.71
CA SER A 35 27.96 1.49 -14.34
C SER A 35 26.90 0.76 -13.53
N VAL A 36 27.02 -0.55 -13.52
CA VAL A 36 26.10 -1.41 -12.80
C VAL A 36 26.99 -2.42 -12.06
N PHE A 37 26.69 -2.68 -10.80
CA PHE A 37 27.51 -3.60 -10.02
C PHE A 37 26.75 -4.46 -9.04
N GLU A 38 27.48 -5.39 -8.43
CA GLU A 38 26.91 -6.31 -7.44
C GLU A 38 27.83 -6.44 -6.23
N GLY A 39 27.27 -7.04 -5.19
CA GLY A 39 28.01 -7.29 -3.98
C GLY A 39 27.69 -8.73 -3.64
N ILE A 40 28.71 -9.58 -3.71
CA ILE A 40 28.51 -11.00 -3.40
C ILE A 40 29.48 -11.40 -2.31
N ARG A 41 29.11 -12.39 -1.52
CA ARG A 41 29.97 -12.83 -0.45
C ARG A 41 30.32 -14.31 -0.52
N CYS A 42 31.59 -14.60 -0.27
CA CYS A 42 32.12 -15.96 -0.24
C CYS A 42 32.36 -16.31 1.22
N TYR A 43 31.76 -17.40 1.66
CA TYR A 43 31.89 -17.86 3.03
C TYR A 43 32.61 -19.19 3.17
N ASP A 44 33.43 -19.30 4.21
CA ASP A 44 34.12 -20.55 4.49
C ASP A 44 33.06 -21.32 5.27
N SER A 45 32.64 -22.47 4.76
CA SER A 45 31.60 -23.24 5.44
C SER A 45 31.98 -24.69 5.74
N HIS A 46 30.99 -25.46 6.19
CA HIS A 46 31.18 -26.87 6.50
C HIS A 46 31.50 -27.71 5.26
N LYS A 47 31.28 -27.13 4.08
CA LYS A 47 31.60 -27.82 2.84
C LYS A 47 32.59 -27.01 2.00
N GLY A 48 33.44 -26.27 2.69
CA GLY A 48 34.45 -25.45 2.02
C GLY A 48 33.94 -24.09 1.59
N PRO A 49 34.76 -23.31 0.86
CA PRO A 49 34.38 -21.97 0.38
C PRO A 49 33.12 -22.07 -0.47
N VAL A 50 32.16 -21.21 -0.17
CA VAL A 50 30.88 -21.24 -0.87
C VAL A 50 30.36 -19.82 -1.10
N VAL A 51 29.89 -19.54 -2.32
CA VAL A 51 29.36 -18.23 -2.67
C VAL A 51 27.85 -18.20 -2.41
N PHE A 52 27.42 -17.33 -1.51
CA PHE A 52 26.02 -17.20 -1.13
C PHE A 52 25.15 -16.58 -2.23
N ARG A 53 24.15 -17.33 -2.66
CA ARG A 53 23.22 -16.93 -3.71
C ARG A 53 23.93 -16.32 -4.91
N HIS A 54 24.88 -17.09 -5.43
CA HIS A 54 25.70 -16.68 -6.56
C HIS A 54 24.87 -16.36 -7.81
N ARG A 55 24.06 -17.31 -8.26
CA ARG A 55 23.25 -17.12 -9.46
C ARG A 55 22.31 -15.93 -9.36
N GLU A 56 21.68 -15.77 -8.19
CA GLU A 56 20.74 -14.67 -7.97
C GLU A 56 21.41 -13.30 -8.17
N HIS A 57 22.63 -13.16 -7.66
CA HIS A 57 23.36 -11.91 -7.79
C HIS A 57 23.77 -11.62 -9.22
N MET A 58 24.15 -12.66 -9.97
CA MET A 58 24.55 -12.49 -11.35
C MET A 58 23.33 -12.18 -12.23
N GLN A 59 22.18 -12.73 -11.85
CA GLN A 59 20.94 -12.49 -12.58
C GLN A 59 20.51 -11.04 -12.35
N ARG A 60 20.76 -10.51 -11.14
CA ARG A 60 20.40 -9.13 -10.85
C ARG A 60 21.32 -8.18 -11.60
N LEU A 61 22.56 -8.61 -11.82
CA LEU A 61 23.55 -7.82 -12.54
C LEU A 61 23.03 -7.62 -13.96
N HIS A 62 22.53 -8.71 -14.54
CA HIS A 62 21.98 -8.67 -15.89
C HIS A 62 20.72 -7.84 -15.95
N ASP A 63 19.92 -7.93 -14.90
CA ASP A 63 18.67 -7.18 -14.82
C ASP A 63 18.93 -5.68 -14.73
N SER A 64 19.94 -5.29 -13.97
CA SER A 64 20.29 -3.89 -13.80
C SER A 64 20.81 -3.31 -15.10
N ALA A 65 21.56 -4.13 -15.83
CA ALA A 65 22.11 -3.71 -17.12
C ALA A 65 21.01 -3.64 -18.16
N LYS A 66 20.02 -4.53 -18.05
CA LYS A 66 18.89 -4.56 -18.98
C LYS A 66 18.03 -3.30 -18.90
N ILE A 67 17.82 -2.79 -17.69
CA ILE A 67 17.01 -1.59 -17.48
C ILE A 67 17.64 -0.35 -18.14
N TYR A 68 18.97 -0.29 -18.13
CA TYR A 68 19.70 0.82 -18.74
C TYR A 68 20.12 0.52 -20.17
N ARG A 69 19.82 -0.70 -20.61
CA ARG A 69 20.12 -1.16 -21.97
C ARG A 69 21.63 -1.29 -22.26
N PHE A 70 22.41 -1.58 -21.23
CA PHE A 70 23.85 -1.77 -21.36
C PHE A 70 24.10 -3.17 -21.97
N PRO A 71 24.81 -3.23 -23.09
CA PRO A 71 25.08 -4.52 -23.73
C PRO A 71 26.03 -5.36 -22.89
N VAL A 72 25.63 -6.59 -22.58
CA VAL A 72 26.45 -7.50 -21.79
C VAL A 72 26.75 -8.71 -22.66
N SER A 73 28.02 -8.88 -23.01
CA SER A 73 28.45 -10.00 -23.85
C SER A 73 28.56 -11.33 -23.11
N GLN A 74 28.77 -11.29 -21.80
CA GLN A 74 28.90 -12.51 -21.00
C GLN A 74 27.57 -13.04 -20.47
N SER A 75 27.41 -14.37 -20.51
CA SER A 75 26.21 -15.02 -20.01
C SER A 75 26.34 -15.15 -18.49
N ILE A 76 25.23 -15.46 -17.82
CA ILE A 76 25.24 -15.62 -16.37
C ILE A 76 26.23 -16.70 -15.92
N ASP A 77 26.28 -17.81 -16.67
CA ASP A 77 27.18 -18.91 -16.35
C ASP A 77 28.64 -18.53 -16.53
N GLU A 78 28.94 -17.77 -17.57
CA GLU A 78 30.32 -17.33 -17.81
C GLU A 78 30.80 -16.49 -16.62
N LEU A 79 29.95 -15.57 -16.17
CA LEU A 79 30.27 -14.70 -15.05
C LEU A 79 30.45 -15.48 -13.76
N MET A 80 29.65 -16.54 -13.58
CA MET A 80 29.74 -17.37 -12.37
C MET A 80 31.05 -18.16 -12.36
N GLU A 81 31.44 -18.68 -13.52
CA GLU A 81 32.68 -19.43 -13.63
C GLU A 81 33.87 -18.49 -13.39
N ALA A 82 33.78 -17.28 -13.95
CA ALA A 82 34.84 -16.27 -13.78
C ALA A 82 34.97 -15.87 -12.32
N CYS A 83 33.85 -15.83 -11.63
CA CYS A 83 33.81 -15.47 -10.23
C CYS A 83 34.55 -16.51 -9.38
N ARG A 84 34.25 -17.79 -9.60
CA ARG A 84 34.90 -18.88 -8.89
C ARG A 84 36.39 -18.86 -9.18
N ASP A 85 36.73 -18.57 -10.44
CA ASP A 85 38.13 -18.50 -10.89
C ASP A 85 38.92 -17.47 -10.09
N VAL A 86 38.34 -16.28 -9.92
CA VAL A 86 38.97 -15.20 -9.17
C VAL A 86 39.24 -15.59 -7.72
N ILE A 87 38.28 -16.25 -7.09
CA ILE A 87 38.44 -16.66 -5.70
C ILE A 87 39.56 -17.69 -5.58
N ARG A 88 39.58 -18.67 -6.48
CA ARG A 88 40.61 -19.69 -6.46
C ARG A 88 41.99 -19.10 -6.76
N LYS A 89 42.09 -18.34 -7.85
CA LYS A 89 43.35 -17.73 -8.28
C LYS A 89 44.00 -16.88 -7.19
N ASN A 90 43.20 -16.32 -6.30
CA ASN A 90 43.71 -15.49 -5.21
C ASN A 90 43.84 -16.24 -3.89
N ASN A 91 43.49 -17.53 -3.90
CA ASN A 91 43.57 -18.38 -2.72
C ASN A 91 42.74 -17.87 -1.54
N LEU A 92 41.55 -17.39 -1.86
CA LEU A 92 40.64 -16.87 -0.84
C LEU A 92 39.67 -17.96 -0.40
N THR A 93 39.41 -17.99 0.91
CA THR A 93 38.47 -18.97 1.47
C THR A 93 37.17 -18.26 1.81
N SER A 94 37.28 -16.96 2.08
CA SER A 94 36.15 -16.11 2.38
C SER A 94 36.53 -14.72 1.86
N ALA A 95 35.58 -14.07 1.19
CA ALA A 95 35.86 -12.75 0.64
C ALA A 95 34.60 -12.03 0.17
N TYR A 96 34.81 -10.80 -0.28
CA TYR A 96 33.73 -9.96 -0.80
C TYR A 96 34.04 -9.85 -2.28
N ILE A 97 33.11 -10.31 -3.12
CA ILE A 97 33.30 -10.25 -4.56
C ILE A 97 32.58 -9.04 -5.11
N ARG A 98 33.19 -8.37 -6.08
CA ARG A 98 32.61 -7.17 -6.66
C ARG A 98 32.60 -7.13 -8.18
N PRO A 99 31.49 -7.59 -8.79
CA PRO A 99 31.32 -7.61 -10.25
C PRO A 99 30.94 -6.18 -10.67
N LEU A 100 31.53 -5.68 -11.74
CA LEU A 100 31.25 -4.33 -12.19
C LEU A 100 31.24 -4.25 -13.71
N ILE A 101 30.10 -3.80 -14.25
CA ILE A 101 29.91 -3.64 -15.68
C ILE A 101 29.83 -2.13 -15.89
N PHE A 102 30.73 -1.58 -16.70
CA PHE A 102 30.73 -0.15 -16.92
C PHE A 102 30.95 0.27 -18.36
N VAL A 103 30.50 1.46 -18.70
CA VAL A 103 30.68 1.99 -20.05
C VAL A 103 32.08 2.59 -20.02
N GLY A 104 32.95 2.04 -20.87
CA GLY A 104 34.32 2.48 -20.92
C GLY A 104 34.64 3.69 -21.78
N ASP A 105 35.82 3.65 -22.36
CA ASP A 105 36.35 4.70 -23.21
C ASP A 105 35.62 4.83 -24.54
N VAL A 106 34.45 5.44 -24.50
CA VAL A 106 33.65 5.68 -25.71
C VAL A 106 33.65 7.21 -25.83
N GLY A 107 32.72 7.80 -26.57
CA GLY A 107 32.75 9.26 -26.65
C GLY A 107 32.38 9.98 -25.36
N MET A 108 32.30 11.31 -25.42
CA MET A 108 31.94 12.12 -24.27
C MET A 108 30.45 12.47 -24.29
N GLY A 109 29.75 11.97 -25.30
CA GLY A 109 28.32 12.20 -25.39
C GLY A 109 27.64 11.37 -24.33
N VAL A 110 26.57 11.88 -23.73
CA VAL A 110 25.87 11.14 -22.67
C VAL A 110 25.40 9.79 -23.16
N ASN A 111 24.89 9.77 -24.39
CA ASN A 111 24.40 8.53 -25.02
C ASN A 111 25.55 7.88 -25.78
N PRO A 112 25.94 6.66 -25.38
CA PRO A 112 27.03 5.93 -26.04
C PRO A 112 26.67 5.67 -27.50
N PRO A 113 27.66 5.63 -28.39
CA PRO A 113 27.40 5.38 -29.81
C PRO A 113 26.92 3.95 -30.05
N ALA A 114 26.05 3.78 -31.04
CA ALA A 114 25.51 2.45 -31.39
C ALA A 114 26.63 1.46 -31.69
N GLY A 115 26.48 0.23 -31.19
CA GLY A 115 27.48 -0.79 -31.42
C GLY A 115 28.58 -0.86 -30.38
N TYR A 116 28.48 -0.02 -29.34
CA TYR A 116 29.48 -0.03 -28.29
C TYR A 116 29.30 -1.28 -27.43
N SER A 117 30.33 -1.60 -26.66
CA SER A 117 30.29 -2.75 -25.76
C SER A 117 30.80 -2.31 -24.40
N THR A 118 30.37 -3.00 -23.34
CA THR A 118 30.80 -2.63 -22.01
C THR A 118 32.01 -3.42 -21.54
N ASP A 119 32.69 -2.89 -20.53
CA ASP A 119 33.85 -3.55 -19.94
C ASP A 119 33.34 -4.21 -18.65
N VAL A 120 33.84 -5.41 -18.36
CA VAL A 120 33.42 -6.11 -17.16
C VAL A 120 34.64 -6.41 -16.27
N ILE A 121 34.41 -6.31 -14.96
CA ILE A 121 35.45 -6.52 -13.96
C ILE A 121 34.92 -7.33 -12.79
N ILE A 122 35.73 -8.24 -12.25
CA ILE A 122 35.32 -9.02 -11.09
C ILE A 122 36.51 -9.05 -10.13
N ALA A 123 36.37 -8.34 -9.02
CA ALA A 123 37.42 -8.28 -8.02
C ALA A 123 36.96 -8.93 -6.73
N ALA A 124 37.83 -9.69 -6.09
CA ALA A 124 37.50 -10.35 -4.83
C ALA A 124 38.59 -10.03 -3.83
N PHE A 125 38.19 -9.79 -2.59
CA PHE A 125 39.13 -9.44 -1.52
C PHE A 125 38.44 -9.60 -0.18
N PRO A 126 39.19 -9.95 0.89
CA PRO A 126 38.57 -10.12 2.20
C PRO A 126 38.07 -8.78 2.78
N TRP A 127 36.85 -8.79 3.31
CA TRP A 127 36.25 -7.59 3.88
C TRP A 127 35.51 -7.94 5.17
N GLY A 128 35.72 -7.16 6.22
CA GLY A 128 35.06 -7.40 7.50
C GLY A 128 33.62 -6.89 7.57
N ALA A 129 33.08 -6.77 8.77
CA ALA A 129 31.71 -6.29 8.96
C ALA A 129 31.61 -4.82 8.56
N TYR A 130 30.73 -4.55 7.58
CA TYR A 130 30.54 -3.21 7.05
C TYR A 130 30.27 -2.11 8.08
N LEU A 131 29.56 -2.45 9.16
CA LEU A 131 29.23 -1.47 10.19
C LEU A 131 29.99 -1.63 11.52
N GLY A 132 31.15 -2.31 11.48
CA GLY A 132 31.94 -2.51 12.69
C GLY A 132 31.96 -3.96 13.16
N ALA A 133 33.12 -4.40 13.64
CA ALA A 133 33.30 -5.77 14.12
C ALA A 133 32.37 -6.15 15.27
N GLU A 134 31.94 -5.16 16.05
CA GLU A 134 31.05 -5.40 17.18
C GLU A 134 29.57 -5.10 16.86
N ALA A 135 29.31 -4.78 15.59
CA ALA A 135 27.97 -4.44 15.13
C ALA A 135 26.97 -5.59 15.10
N LEU A 136 27.45 -6.81 14.88
CA LEU A 136 26.58 -7.98 14.82
C LEU A 136 25.99 -8.42 16.16
N GLU A 137 26.77 -8.32 17.24
CA GLU A 137 26.30 -8.73 18.56
C GLU A 137 25.57 -7.59 19.28
N GLN A 138 26.26 -6.47 19.44
CA GLN A 138 25.64 -5.31 20.06
C GLN A 138 25.15 -4.51 18.86
N GLY A 139 24.01 -3.85 18.99
CA GLY A 139 23.49 -3.11 17.84
C GLY A 139 24.28 -1.89 17.41
N ILE A 140 23.66 -1.08 16.55
CA ILE A 140 24.28 0.16 16.09
C ILE A 140 23.28 1.26 16.37
N ASP A 141 23.76 2.49 16.39
CA ASP A 141 22.91 3.64 16.63
C ASP A 141 22.65 4.28 15.26
N ALA A 142 21.39 4.36 14.85
CA ALA A 142 21.04 4.94 13.56
C ALA A 142 20.32 6.27 13.70
N MET A 143 20.35 7.05 12.63
CA MET A 143 19.72 8.36 12.60
C MET A 143 18.87 8.47 11.34
N VAL A 144 17.70 9.11 11.45
CA VAL A 144 16.86 9.33 10.28
C VAL A 144 17.44 10.57 9.59
N SER A 145 17.90 10.39 8.35
CA SER A 145 18.51 11.45 7.56
C SER A 145 17.54 12.52 7.08
N SER A 146 18.08 13.69 6.77
CA SER A 146 17.29 14.80 6.27
C SER A 146 17.19 14.73 4.74
N TRP A 147 17.93 13.80 4.14
CA TRP A 147 17.94 13.58 2.69
C TRP A 147 17.03 12.41 2.36
N ASN A 148 16.19 12.57 1.34
CA ASN A 148 15.26 11.52 0.93
C ASN A 148 15.79 10.68 -0.23
N ARG A 149 15.28 9.47 -0.35
CA ARG A 149 15.69 8.59 -1.43
C ARG A 149 14.94 8.92 -2.72
N ALA A 150 15.51 8.50 -3.84
CA ALA A 150 14.96 8.74 -5.18
C ALA A 150 13.48 8.49 -5.36
N ALA A 151 12.81 9.43 -6.04
CA ALA A 151 11.39 9.32 -6.34
C ALA A 151 11.18 8.19 -7.36
N PRO A 152 10.01 7.53 -7.30
CA PRO A 152 9.57 6.41 -8.14
C PRO A 152 9.93 6.32 -9.63
N ASN A 153 9.64 7.35 -10.40
CA ASN A 153 9.91 7.26 -11.83
C ASN A 153 10.98 8.25 -12.28
N THR A 154 12.11 8.26 -11.57
CA THR A 154 13.20 9.16 -11.89
C THR A 154 14.42 8.33 -12.26
N ILE A 155 15.05 7.75 -11.24
CA ILE A 155 16.22 6.90 -11.41
C ILE A 155 15.80 5.61 -10.74
N PRO A 156 15.56 4.55 -11.52
CA PRO A 156 15.14 3.23 -11.02
C PRO A 156 15.92 2.71 -9.81
N THR A 157 15.22 2.52 -8.70
CA THR A 157 15.84 2.04 -7.47
C THR A 157 16.00 0.51 -7.43
N ALA A 158 15.36 -0.19 -8.36
CA ALA A 158 15.47 -1.65 -8.42
C ALA A 158 16.82 -2.06 -8.98
N ALA A 159 17.45 -1.13 -9.70
CA ALA A 159 18.76 -1.37 -10.30
C ALA A 159 19.86 -0.93 -9.36
N LYS A 160 20.93 -1.70 -9.32
CA LYS A 160 22.05 -1.36 -8.47
C LYS A 160 23.09 -0.74 -9.39
N ALA A 161 22.92 0.57 -9.64
CA ALA A 161 23.80 1.32 -10.52
C ALA A 161 24.70 2.30 -9.76
N GLY A 162 25.85 2.59 -10.35
CA GLY A 162 26.81 3.51 -9.75
C GLY A 162 26.23 4.85 -9.33
N GLY A 163 25.63 5.56 -10.29
CA GLY A 163 25.05 6.86 -10.01
C GLY A 163 24.08 6.93 -8.85
N ASN A 164 23.52 5.78 -8.46
CA ASN A 164 22.57 5.71 -7.35
C ASN A 164 23.19 6.11 -6.03
N TYR A 165 24.47 5.79 -5.85
CA TYR A 165 25.15 6.04 -4.58
C TYR A 165 25.54 7.44 -4.13
N LEU A 166 25.17 8.44 -4.92
CA LEU A 166 25.44 9.83 -4.53
C LEU A 166 24.46 10.05 -3.37
N SER A 167 23.31 9.39 -3.49
CA SER A 167 22.25 9.46 -2.49
C SER A 167 22.70 8.76 -1.21
N SER A 168 23.23 7.54 -1.34
CA SER A 168 23.71 6.77 -0.20
C SER A 168 24.86 7.48 0.51
N LEU A 169 25.67 8.20 -0.27
CA LEU A 169 26.78 8.97 0.24
C LEU A 169 26.24 10.10 1.13
N LEU A 170 25.22 10.80 0.66
CA LEU A 170 24.62 11.89 1.41
C LEU A 170 23.95 11.40 2.69
N VAL A 171 23.15 10.35 2.60
CA VAL A 171 22.46 9.79 3.76
C VAL A 171 23.43 9.24 4.81
N GLY A 172 24.37 8.41 4.35
CA GLY A 172 25.34 7.80 5.25
C GLY A 172 26.34 8.76 5.91
N SER A 173 26.83 9.74 5.17
CA SER A 173 27.79 10.69 5.71
C SER A 173 27.16 11.60 6.75
N GLU A 174 25.90 11.96 6.56
CA GLU A 174 25.21 12.81 7.52
C GLU A 174 25.11 12.12 8.87
N ALA A 175 24.83 10.82 8.85
CA ALA A 175 24.70 10.05 10.08
C ALA A 175 26.04 9.94 10.83
N ARG A 176 27.09 9.61 10.10
CA ARG A 176 28.42 9.47 10.67
C ARG A 176 29.01 10.78 11.16
N ARG A 177 28.61 11.88 10.52
CA ARG A 177 29.09 13.20 10.90
C ARG A 177 28.55 13.59 12.27
N HIS A 178 27.38 13.04 12.61
CA HIS A 178 26.74 13.33 13.88
C HIS A 178 26.94 12.24 14.94
N GLY A 179 27.85 11.31 14.67
CA GLY A 179 28.14 10.26 15.64
C GLY A 179 27.38 8.95 15.58
N TYR A 180 26.56 8.77 14.54
CA TYR A 180 25.80 7.53 14.38
C TYR A 180 26.54 6.59 13.44
N GLN A 181 26.21 5.30 13.48
CA GLN A 181 26.86 4.33 12.62
C GLN A 181 26.28 4.22 11.21
N GLU A 182 24.99 4.55 11.07
CA GLU A 182 24.34 4.48 9.77
C GLU A 182 23.08 5.35 9.73
N GLY A 183 22.74 5.80 8.53
CA GLY A 183 21.56 6.64 8.36
C GLY A 183 20.41 5.92 7.67
N ILE A 184 19.21 6.21 8.13
CA ILE A 184 17.98 5.65 7.58
C ILE A 184 17.29 6.74 6.77
N ALA A 185 16.99 6.46 5.51
CA ALA A 185 16.34 7.42 4.64
C ALA A 185 14.85 7.18 4.43
N LEU A 186 14.11 8.27 4.31
CA LEU A 186 12.67 8.21 4.05
C LEU A 186 12.51 8.47 2.56
N ASP A 187 11.39 8.09 1.98
CA ASP A 187 11.17 8.36 0.57
C ASP A 187 10.60 9.79 0.44
N VAL A 188 10.19 10.19 -0.76
CA VAL A 188 9.66 11.54 -0.96
C VAL A 188 8.32 11.81 -0.29
N ASN A 189 7.64 10.74 0.12
CA ASN A 189 6.34 10.80 0.78
C ASN A 189 6.44 10.93 2.29
N GLY A 190 7.62 10.65 2.82
CA GLY A 190 7.82 10.72 4.26
C GLY A 190 7.70 9.37 4.94
N TYR A 191 7.77 8.30 4.17
CA TYR A 191 7.69 6.95 4.70
C TYR A 191 9.09 6.35 4.74
N ILE A 192 9.28 5.30 5.53
CA ILE A 192 10.58 4.64 5.64
C ILE A 192 10.94 3.94 4.32
N SER A 193 12.15 4.18 3.83
CA SER A 193 12.61 3.54 2.62
C SER A 193 13.57 2.41 3.01
N GLU A 194 14.77 2.80 3.46
CA GLU A 194 15.80 1.85 3.87
C GLU A 194 17.01 2.61 4.38
N GLY A 195 18.05 1.88 4.77
CA GLY A 195 19.27 2.50 5.25
C GLY A 195 20.04 2.99 4.03
N ALA A 196 21.14 3.71 4.25
CA ALA A 196 21.94 4.22 3.15
C ALA A 196 22.42 3.14 2.18
N GLY A 197 22.70 1.95 2.71
CA GLY A 197 23.16 0.85 1.88
C GLY A 197 22.71 -0.52 2.38
N GLU A 198 21.51 -0.56 2.98
CA GLU A 198 20.95 -1.78 3.51
C GLU A 198 19.44 -1.69 3.72
N ASN A 199 18.74 -2.80 3.55
CA ASN A 199 17.29 -2.84 3.74
C ASN A 199 16.97 -2.75 5.21
N LEU A 200 15.77 -2.26 5.53
CA LEU A 200 15.34 -2.08 6.90
C LEU A 200 14.19 -3.02 7.26
N PHE A 201 14.27 -3.58 8.47
CA PHE A 201 13.28 -4.50 9.01
C PHE A 201 12.87 -4.09 10.41
N GLU A 202 11.60 -4.22 10.73
CA GLU A 202 11.11 -3.90 12.07
C GLU A 202 10.53 -5.19 12.61
N VAL A 203 10.16 -5.19 13.88
CA VAL A 203 9.57 -6.35 14.52
C VAL A 203 8.62 -5.80 15.57
N LYS A 204 7.32 -5.96 15.36
CA LYS A 204 6.36 -5.47 16.34
C LYS A 204 5.93 -6.58 17.28
N ASP A 205 4.69 -7.02 17.24
CA ASP A 205 4.29 -8.08 18.17
C ASP A 205 4.57 -9.47 17.61
N GLY A 206 5.87 -9.78 17.49
CA GLY A 206 6.29 -11.06 16.95
C GLY A 206 6.22 -11.12 15.43
N VAL A 207 5.80 -10.02 14.82
CA VAL A 207 5.66 -9.93 13.36
C VAL A 207 6.81 -9.12 12.74
N LEU A 208 7.31 -9.56 11.58
CA LEU A 208 8.41 -8.86 10.92
C LEU A 208 8.17 -7.41 10.47
N PHE A 209 7.78 -7.20 9.21
CA PHE A 209 7.55 -5.86 8.63
C PHE A 209 8.76 -5.31 7.85
N THR A 210 8.55 -5.00 6.58
CA THR A 210 9.59 -4.45 5.73
C THR A 210 8.90 -3.62 4.67
N PRO A 211 9.51 -2.49 4.26
CA PRO A 211 8.91 -1.64 3.24
C PRO A 211 8.97 -2.34 1.87
N PRO A 212 7.95 -2.14 1.02
CA PRO A 212 7.96 -2.77 -0.30
C PRO A 212 8.92 -2.01 -1.21
N PHE A 213 9.19 -2.56 -2.38
CA PHE A 213 10.10 -1.93 -3.35
C PHE A 213 9.63 -0.56 -3.77
N THR A 214 8.32 -0.36 -3.74
CA THR A 214 7.70 0.92 -4.11
C THR A 214 7.99 2.08 -3.15
N SER A 215 8.66 1.77 -2.03
CA SER A 215 9.04 2.79 -1.06
C SER A 215 10.49 3.17 -1.37
N SER A 216 10.88 2.94 -2.63
CA SER A 216 12.24 3.24 -3.12
C SER A 216 13.30 2.36 -2.48
N ALA A 217 12.89 1.17 -2.05
CA ALA A 217 13.78 0.22 -1.41
C ALA A 217 14.27 -0.78 -2.45
N LEU A 218 15.58 -0.96 -2.53
CA LEU A 218 16.17 -1.90 -3.47
C LEU A 218 15.82 -3.33 -3.07
N PRO A 219 15.44 -4.18 -4.05
CA PRO A 219 15.08 -5.60 -3.84
C PRO A 219 16.30 -6.41 -3.41
N GLY A 220 16.71 -6.24 -2.16
CA GLY A 220 17.88 -6.95 -1.65
C GLY A 220 17.80 -8.46 -1.66
N ILE A 221 18.91 -9.11 -1.97
CA ILE A 221 19.00 -10.56 -2.00
C ILE A 221 18.98 -11.08 -0.56
N THR A 222 19.59 -10.33 0.36
CA THR A 222 19.63 -10.70 1.76
C THR A 222 18.23 -10.54 2.32
N ARG A 223 17.55 -9.46 1.92
CA ARG A 223 16.19 -9.17 2.34
C ARG A 223 15.29 -10.34 1.97
N ASP A 224 15.45 -10.83 0.75
CA ASP A 224 14.67 -11.95 0.22
C ASP A 224 14.94 -13.23 1.01
N ALA A 225 16.20 -13.46 1.33
CA ALA A 225 16.61 -14.65 2.09
C ALA A 225 16.02 -14.64 3.49
N ILE A 226 16.00 -13.46 4.12
CA ILE A 226 15.47 -13.31 5.47
C ILE A 226 13.96 -13.56 5.51
N ILE A 227 13.26 -13.14 4.46
CA ILE A 227 11.81 -13.35 4.38
C ILE A 227 11.51 -14.84 4.22
N LYS A 228 12.33 -15.55 3.46
CA LYS A 228 12.14 -16.98 3.25
C LYS A 228 12.54 -17.78 4.49
N LEU A 229 13.57 -17.33 5.20
CA LEU A 229 14.02 -17.99 6.41
C LEU A 229 12.97 -17.80 7.50
N ALA A 230 12.42 -16.60 7.57
CA ALA A 230 11.40 -16.25 8.56
C ALA A 230 10.20 -17.15 8.41
N LYS A 231 9.80 -17.42 7.17
CA LYS A 231 8.66 -18.29 6.91
C LYS A 231 8.92 -19.73 7.34
N GLU A 232 10.18 -20.15 7.32
CA GLU A 232 10.54 -21.50 7.76
C GLU A 232 10.46 -21.59 9.29
N LEU A 233 10.77 -20.48 9.96
CA LEU A 233 10.74 -20.40 11.41
C LEU A 233 9.31 -20.17 11.92
N GLY A 234 8.38 -19.99 11.00
CA GLY A 234 6.99 -19.75 11.39
C GLY A 234 6.72 -18.33 11.89
N ILE A 235 7.50 -17.37 11.40
CA ILE A 235 7.31 -15.98 11.77
C ILE A 235 6.52 -15.29 10.67
N GLU A 236 5.48 -14.55 11.04
CA GLU A 236 4.65 -13.85 10.08
C GLU A 236 5.40 -12.63 9.51
N VAL A 237 5.41 -12.52 8.19
CA VAL A 237 6.09 -11.43 7.53
C VAL A 237 5.09 -10.53 6.80
N ARG A 238 5.24 -9.23 7.01
CA ARG A 238 4.38 -8.24 6.38
C ARG A 238 5.19 -7.24 5.60
N GLU A 239 4.91 -7.16 4.31
CA GLU A 239 5.58 -6.23 3.43
C GLU A 239 4.62 -5.06 3.25
N GLN A 240 4.84 -3.99 4.02
CA GLN A 240 3.96 -2.84 3.92
C GLN A 240 4.69 -1.53 4.15
N VAL A 241 4.06 -0.43 3.72
CA VAL A 241 4.61 0.90 3.89
C VAL A 241 4.64 1.19 5.38
N LEU A 242 5.77 1.72 5.86
CA LEU A 242 5.92 2.02 7.28
C LEU A 242 6.17 3.51 7.53
N SER A 243 5.53 4.05 8.56
CA SER A 243 5.69 5.46 8.89
C SER A 243 6.96 5.68 9.68
N ARG A 244 7.41 6.93 9.80
CA ARG A 244 8.62 7.20 10.55
C ARG A 244 8.51 6.86 12.04
N GLU A 245 7.35 7.12 12.63
CA GLU A 245 7.13 6.86 14.05
C GLU A 245 7.24 5.39 14.42
N SER A 246 6.98 4.51 13.47
CA SER A 246 7.04 3.08 13.72
C SER A 246 8.41 2.63 14.25
N LEU A 247 9.46 3.38 13.89
CA LEU A 247 10.82 3.06 14.33
C LEU A 247 10.95 3.23 15.84
N TYR A 248 10.15 4.12 16.40
CA TYR A 248 10.18 4.41 17.82
C TYR A 248 9.29 3.47 18.63
N LEU A 249 8.30 2.88 17.97
CA LEU A 249 7.36 1.99 18.62
C LEU A 249 7.68 0.51 18.43
N ALA A 250 8.64 0.23 17.55
CA ALA A 250 9.03 -1.15 17.25
C ALA A 250 9.74 -1.83 18.41
N ASP A 251 9.52 -3.13 18.55
CA ASP A 251 10.16 -3.92 19.59
C ASP A 251 11.59 -4.23 19.17
N GLU A 252 11.77 -4.38 17.87
CA GLU A 252 13.09 -4.68 17.30
C GLU A 252 13.19 -4.06 15.91
N VAL A 253 14.42 -3.72 15.52
CA VAL A 253 14.68 -3.18 14.19
C VAL A 253 16.10 -3.55 13.79
N PHE A 254 16.26 -4.05 12.57
CA PHE A 254 17.58 -4.42 12.07
C PHE A 254 17.75 -4.15 10.58
N MET A 255 19.00 -4.12 10.12
CA MET A 255 19.33 -3.87 8.73
C MET A 255 19.92 -5.12 8.07
N SER A 256 19.72 -5.24 6.76
CA SER A 256 20.25 -6.40 6.02
C SER A 256 20.95 -5.96 4.74
N GLY A 257 21.95 -6.71 4.34
CA GLY A 257 22.71 -6.41 3.14
C GLY A 257 23.81 -7.43 2.99
N THR A 258 24.44 -7.50 1.83
CA THR A 258 25.51 -8.47 1.63
C THR A 258 26.72 -8.13 2.50
N ALA A 259 27.09 -6.85 2.54
CA ALA A 259 28.22 -6.39 3.35
C ALA A 259 27.84 -6.25 4.82
N ALA A 260 26.63 -5.76 5.07
CA ALA A 260 26.14 -5.55 6.44
C ALA A 260 25.59 -6.82 7.08
N GLU A 261 25.31 -7.82 6.24
CA GLU A 261 24.73 -9.10 6.68
C GLU A 261 23.45 -8.82 7.46
N ILE A 262 23.39 -9.11 8.76
CA ILE A 262 22.20 -8.83 9.56
C ILE A 262 22.62 -8.07 10.80
N THR A 263 22.49 -6.75 10.75
CA THR A 263 22.91 -5.88 11.85
C THR A 263 21.77 -5.29 12.65
N PRO A 264 21.68 -5.64 13.95
CA PRO A 264 20.61 -5.07 14.77
C PRO A 264 20.82 -3.58 15.05
N VAL A 265 19.71 -2.84 15.19
CA VAL A 265 19.75 -1.41 15.47
C VAL A 265 19.23 -1.23 16.90
N ARG A 266 20.10 -0.79 17.80
CA ARG A 266 19.71 -0.60 19.21
C ARG A 266 19.07 0.75 19.53
N SER A 267 19.16 1.70 18.61
CA SER A 267 18.56 3.02 18.83
C SER A 267 18.38 3.81 17.54
N VAL A 268 17.33 4.61 17.48
CA VAL A 268 17.04 5.46 16.33
C VAL A 268 16.81 6.88 16.83
N ASP A 269 17.69 7.80 16.43
CA ASP A 269 17.61 9.19 16.83
C ASP A 269 17.77 9.42 18.33
N GLY A 270 18.54 8.55 18.98
CA GLY A 270 18.75 8.68 20.41
C GLY A 270 17.65 8.03 21.22
N ILE A 271 16.68 7.43 20.54
CA ILE A 271 15.58 6.74 21.22
C ILE A 271 15.86 5.24 21.16
N GLN A 272 16.05 4.65 22.34
CA GLN A 272 16.36 3.23 22.46
C GLN A 272 15.27 2.30 21.93
N VAL A 273 15.71 1.25 21.23
CA VAL A 273 14.83 0.25 20.65
C VAL A 273 14.72 -0.93 21.62
N GLY A 274 13.63 -0.97 22.38
CA GLY A 274 13.37 -2.01 23.36
C GLY A 274 14.56 -2.77 23.94
N GLU A 275 15.03 -2.34 25.12
CA GLU A 275 16.17 -3.00 25.79
C GLU A 275 17.55 -2.53 25.38
N GLY A 276 17.68 -1.99 24.16
CA GLY A 276 18.96 -1.49 23.69
C GLY A 276 19.99 -2.54 23.30
N ARG A 277 19.52 -3.77 23.14
CA ARG A 277 20.38 -4.88 22.75
C ARG A 277 19.73 -5.59 21.55
N CYS A 278 20.43 -6.58 21.00
CA CYS A 278 19.90 -7.37 19.91
C CYS A 278 18.67 -8.11 20.44
N GLY A 279 17.55 -8.01 19.71
CA GLY A 279 16.33 -8.65 20.17
C GLY A 279 16.19 -10.13 19.89
N PRO A 280 15.17 -10.77 20.48
CA PRO A 280 14.85 -12.19 20.36
C PRO A 280 14.67 -12.68 18.92
N VAL A 281 13.81 -12.02 18.16
CA VAL A 281 13.56 -12.41 16.76
C VAL A 281 14.78 -12.21 15.88
N THR A 282 15.47 -11.08 16.06
CA THR A 282 16.66 -10.79 15.27
C THR A 282 17.69 -11.88 15.53
N LYS A 283 17.78 -12.31 16.79
CA LYS A 283 18.71 -13.36 17.20
C LYS A 283 18.39 -14.67 16.49
N ARG A 284 17.13 -15.09 16.52
CA ARG A 284 16.71 -16.33 15.86
C ARG A 284 17.10 -16.31 14.39
N ILE A 285 16.83 -15.17 13.74
CA ILE A 285 17.13 -15.00 12.32
C ILE A 285 18.63 -15.02 12.05
N GLN A 286 19.42 -14.39 12.93
CA GLN A 286 20.87 -14.39 12.77
C GLN A 286 21.40 -15.81 12.86
N GLN A 287 20.94 -16.55 13.87
CA GLN A 287 21.35 -17.95 14.08
C GLN A 287 20.99 -18.82 12.87
N ALA A 288 19.79 -18.58 12.32
CA ALA A 288 19.32 -19.35 11.18
C ALA A 288 20.10 -19.02 9.91
N PHE A 289 20.48 -17.76 9.76
CA PHE A 289 21.23 -17.34 8.59
C PHE A 289 22.67 -17.87 8.62
N PHE A 290 23.37 -17.65 9.73
CA PHE A 290 24.74 -18.13 9.87
C PHE A 290 24.80 -19.65 9.98
N GLY A 291 23.69 -20.25 10.39
CA GLY A 291 23.62 -21.69 10.52
C GLY A 291 23.73 -22.39 9.17
N LEU A 292 23.55 -21.64 8.09
CA LEU A 292 23.64 -22.17 6.74
C LEU A 292 25.07 -22.61 6.41
N PHE A 293 26.03 -21.91 6.99
CA PHE A 293 27.43 -22.19 6.73
C PHE A 293 28.06 -23.13 7.77
N THR A 294 27.25 -23.58 8.71
CA THR A 294 27.68 -24.50 9.76
C THR A 294 27.03 -25.86 9.52
N GLY A 295 25.95 -25.86 8.75
CA GLY A 295 25.23 -27.09 8.46
C GLY A 295 23.99 -27.23 9.32
N GLU A 296 23.90 -26.42 10.38
CA GLU A 296 22.75 -26.45 11.29
C GLU A 296 21.46 -26.13 10.57
N THR A 297 21.53 -25.20 9.63
CA THR A 297 20.35 -24.82 8.84
C THR A 297 20.49 -25.47 7.47
N GLU A 298 19.55 -26.35 7.15
CA GLU A 298 19.56 -27.04 5.86
C GLU A 298 19.32 -26.08 4.70
N ASP A 299 20.17 -26.15 3.70
CA ASP A 299 20.03 -25.31 2.52
C ASP A 299 18.98 -25.90 1.59
N LYS A 300 17.72 -25.63 1.90
CA LYS A 300 16.59 -26.13 1.11
C LYS A 300 16.40 -25.46 -0.26
N TRP A 301 16.99 -24.28 -0.43
CA TRP A 301 16.83 -23.52 -1.66
C TRP A 301 18.00 -23.58 -2.63
N GLY A 302 19.12 -24.12 -2.19
CA GLY A 302 20.28 -24.20 -3.05
C GLY A 302 20.97 -22.86 -3.15
N TRP A 303 21.09 -22.18 -2.01
CA TRP A 303 21.73 -20.88 -1.91
C TRP A 303 23.25 -20.94 -1.84
N LEU A 304 23.79 -22.11 -1.50
CA LEU A 304 25.25 -22.26 -1.40
C LEU A 304 25.86 -22.86 -2.67
N ASP A 305 26.66 -22.05 -3.37
CA ASP A 305 27.33 -22.47 -4.61
C ASP A 305 28.80 -22.75 -4.33
N GLN A 306 29.18 -24.01 -4.39
CA GLN A 306 30.57 -24.42 -4.13
C GLN A 306 31.58 -23.87 -5.11
N VAL A 307 32.66 -23.30 -4.58
CA VAL A 307 33.74 -22.73 -5.38
C VAL A 307 34.62 -23.87 -5.89
N ASN A 308 34.81 -24.88 -5.03
CA ASN A 308 35.64 -26.06 -5.27
C ASN A 308 37.10 -25.74 -4.95
N LYS B 5 -17.90 16.47 35.17
CA LYS B 5 -17.82 17.02 36.55
C LYS B 5 -17.85 15.87 37.57
N ALA B 6 -16.92 15.93 38.53
CA ALA B 6 -16.80 14.91 39.59
C ALA B 6 -16.17 15.56 40.84
N ASP B 7 -15.85 14.75 41.84
CA ASP B 7 -15.27 15.23 43.10
C ASP B 7 -13.77 15.49 43.15
N TYR B 8 -12.98 14.49 42.74
CA TYR B 8 -11.53 14.60 42.78
C TYR B 8 -10.88 14.35 41.43
N ILE B 9 -9.65 14.83 41.31
CA ILE B 9 -8.82 14.69 40.13
C ILE B 9 -7.43 14.32 40.66
N TRP B 10 -6.82 13.29 40.08
CA TRP B 10 -5.49 12.86 40.48
C TRP B 10 -4.53 13.87 39.84
N PHE B 11 -3.74 14.54 40.67
CA PHE B 11 -2.83 15.58 40.21
C PHE B 11 -1.44 15.37 40.79
N ASN B 12 -0.53 14.86 39.96
CA ASN B 12 0.85 14.60 40.37
C ASN B 12 0.99 13.75 41.63
N GLY B 13 0.14 12.75 41.76
CA GLY B 13 0.20 11.87 42.91
C GLY B 13 -0.78 12.15 44.03
N GLU B 14 -1.44 13.30 43.98
CA GLU B 14 -2.39 13.65 45.04
C GLU B 14 -3.82 13.75 44.54
N MET B 15 -4.78 13.31 45.35
CA MET B 15 -6.18 13.42 44.98
C MET B 15 -6.60 14.81 45.43
N VAL B 16 -6.72 15.71 44.47
CA VAL B 16 -7.11 17.08 44.72
C VAL B 16 -8.57 17.28 44.33
N ARG B 17 -9.28 18.18 45.01
CA ARG B 17 -10.67 18.40 44.67
C ARG B 17 -10.76 19.09 43.32
N TRP B 18 -11.75 18.69 42.54
CA TRP B 18 -11.96 19.23 41.21
C TRP B 18 -11.72 20.74 41.09
N GLU B 19 -12.37 21.52 41.97
CA GLU B 19 -12.26 22.97 41.95
C GLU B 19 -10.85 23.52 42.14
N ASP B 20 -10.01 22.76 42.83
CA ASP B 20 -8.64 23.17 43.12
C ASP B 20 -7.58 22.68 42.14
N ALA B 21 -8.00 21.96 41.11
CA ALA B 21 -7.07 21.44 40.11
C ALA B 21 -6.74 22.52 39.07
N LYS B 22 -5.97 23.52 39.50
CA LYS B 22 -5.60 24.63 38.65
C LYS B 22 -4.13 24.62 38.31
N VAL B 23 -3.78 25.26 37.21
CA VAL B 23 -2.40 25.35 36.76
C VAL B 23 -2.18 26.76 36.22
N HIS B 24 -0.93 27.22 36.26
CA HIS B 24 -0.60 28.57 35.78
C HIS B 24 -0.93 28.80 34.31
N VAL B 25 -1.34 30.03 34.01
CA VAL B 25 -1.70 30.42 32.66
C VAL B 25 -0.48 30.51 31.73
N MET B 26 0.73 30.43 32.30
CA MET B 26 1.98 30.48 31.52
C MET B 26 2.51 29.06 31.33
N SER B 27 1.65 28.06 31.52
CA SER B 27 2.05 26.67 31.34
C SER B 27 2.33 26.46 29.85
N HIS B 28 3.48 25.86 29.56
CA HIS B 28 3.94 25.60 28.20
C HIS B 28 2.86 25.03 27.25
N ALA B 29 2.17 23.99 27.70
CA ALA B 29 1.13 23.33 26.92
C ALA B 29 -0.01 24.23 26.45
N LEU B 30 -0.28 25.31 27.20
CA LEU B 30 -1.36 26.25 26.83
C LEU B 30 -0.95 27.10 25.64
N HIS B 31 0.35 27.34 25.49
CA HIS B 31 0.87 28.16 24.41
C HIS B 31 1.39 27.37 23.21
N TYR B 32 1.88 26.16 23.44
CA TYR B 32 2.47 25.36 22.36
C TYR B 32 1.90 23.98 22.08
N GLY B 33 0.74 23.67 22.65
CA GLY B 33 0.12 22.37 22.42
C GLY B 33 0.95 21.18 22.86
N THR B 34 1.92 21.43 23.74
CA THR B 34 2.81 20.39 24.24
C THR B 34 2.21 19.52 25.33
N SER B 35 1.28 18.67 24.95
CA SER B 35 0.64 17.76 25.88
C SER B 35 0.33 16.47 25.13
N VAL B 36 0.18 15.40 25.89
CA VAL B 36 -0.13 14.08 25.36
C VAL B 36 -1.26 13.55 26.24
N PHE B 37 -2.27 12.95 25.64
CA PHE B 37 -3.40 12.45 26.42
C PHE B 37 -3.97 11.12 25.92
N GLU B 38 -4.92 10.60 26.70
CA GLU B 38 -5.58 9.36 26.37
C GLU B 38 -7.07 9.46 26.64
N GLY B 39 -7.80 8.50 26.10
CA GLY B 39 -9.24 8.43 26.29
C GLY B 39 -9.51 7.00 26.69
N ILE B 40 -9.95 6.80 27.92
CA ILE B 40 -10.22 5.46 28.43
C ILE B 40 -11.65 5.39 28.92
N ARG B 41 -12.22 4.19 28.89
CA ARG B 41 -13.59 4.05 29.34
C ARG B 41 -13.77 2.95 30.38
N CYS B 42 -14.57 3.27 31.39
CA CYS B 42 -14.89 2.33 32.45
C CYS B 42 -16.33 1.94 32.22
N TYR B 43 -16.58 0.64 32.14
CA TYR B 43 -17.92 0.13 31.92
C TYR B 43 -18.42 -0.69 33.11
N ASP B 44 -19.71 -0.57 33.39
CA ASP B 44 -20.32 -1.34 34.47
C ASP B 44 -20.64 -2.67 33.78
N SER B 45 -20.02 -3.75 34.24
CA SER B 45 -20.24 -5.05 33.61
C SER B 45 -20.82 -6.11 34.54
N HIS B 46 -20.79 -7.35 34.06
CA HIS B 46 -21.30 -8.50 34.81
C HIS B 46 -20.36 -8.84 35.97
N LYS B 47 -19.17 -8.24 35.96
CA LYS B 47 -18.19 -8.46 37.02
C LYS B 47 -17.85 -7.13 37.69
N GLY B 48 -18.82 -6.21 37.67
CA GLY B 48 -18.64 -4.89 38.27
C GLY B 48 -17.89 -3.93 37.35
N PRO B 49 -17.59 -2.70 37.80
CA PRO B 49 -16.88 -1.69 37.01
C PRO B 49 -15.55 -2.23 36.48
N VAL B 50 -15.35 -2.06 35.18
CA VAL B 50 -14.16 -2.55 34.53
C VAL B 50 -13.63 -1.56 33.50
N VAL B 51 -12.31 -1.36 33.48
CA VAL B 51 -11.69 -0.45 32.52
C VAL B 51 -11.28 -1.23 31.28
N PHE B 52 -11.82 -0.82 30.13
CA PHE B 52 -11.54 -1.48 28.86
C PHE B 52 -10.14 -1.20 28.34
N ARG B 53 -9.37 -2.27 28.14
CA ARG B 53 -8.00 -2.20 27.65
C ARG B 53 -7.19 -1.11 28.35
N HIS B 54 -7.16 -1.20 29.68
CA HIS B 54 -6.48 -0.26 30.55
C HIS B 54 -4.97 -0.13 30.28
N ARG B 55 -4.26 -1.26 30.37
CA ARG B 55 -2.83 -1.26 30.14
C ARG B 55 -2.44 -0.76 28.76
N GLU B 56 -3.22 -1.15 27.75
CA GLU B 56 -2.96 -0.74 26.37
C GLU B 56 -2.96 0.78 26.21
N HIS B 57 -3.95 1.44 26.83
CA HIS B 57 -4.05 2.89 26.76
C HIS B 57 -2.91 3.57 27.51
N MET B 58 -2.51 3.00 28.64
CA MET B 58 -1.43 3.57 29.43
C MET B 58 -0.10 3.42 28.71
N GLN B 59 0.05 2.32 27.98
CA GLN B 59 1.27 2.06 27.22
C GLN B 59 1.36 3.03 26.05
N ARG B 60 0.20 3.39 25.48
CA ARG B 60 0.17 4.32 24.36
C ARG B 60 0.46 5.73 24.84
N LEU B 61 0.10 6.03 26.09
CA LEU B 61 0.35 7.34 26.68
C LEU B 61 1.87 7.51 26.78
N HIS B 62 2.55 6.44 27.17
CA HIS B 62 4.00 6.45 27.30
C HIS B 62 4.66 6.52 25.94
N ASP B 63 4.07 5.84 24.96
CA ASP B 63 4.60 5.85 23.61
C ASP B 63 4.49 7.23 22.97
N SER B 64 3.38 7.92 23.24
CA SER B 64 3.16 9.27 22.70
C SER B 64 4.15 10.25 23.32
N ALA B 65 4.43 10.08 24.61
CA ALA B 65 5.37 10.94 25.30
C ALA B 65 6.80 10.63 24.85
N LYS B 66 7.05 9.36 24.52
CA LYS B 66 8.37 8.94 24.07
C LYS B 66 8.77 9.58 22.75
N ILE B 67 7.81 9.68 21.83
CA ILE B 67 8.07 10.27 20.51
C ILE B 67 8.47 11.74 20.64
N TYR B 68 7.84 12.45 21.56
CA TYR B 68 8.13 13.86 21.78
C TYR B 68 9.23 14.07 22.82
N ARG B 69 9.70 12.98 23.43
CA ARG B 69 10.75 13.02 24.43
C ARG B 69 10.35 13.71 25.74
N PHE B 70 9.06 13.65 26.07
CA PHE B 70 8.56 14.23 27.30
C PHE B 70 8.88 13.26 28.43
N PRO B 71 9.59 13.73 29.47
CA PRO B 71 9.95 12.89 30.62
C PRO B 71 8.72 12.51 31.45
N VAL B 72 8.52 11.22 31.64
CA VAL B 72 7.39 10.72 32.43
C VAL B 72 7.99 9.98 33.63
N SER B 73 7.74 10.51 34.83
CA SER B 73 8.27 9.91 36.05
C SER B 73 7.49 8.69 36.57
N GLN B 74 6.21 8.59 36.19
CA GLN B 74 5.36 7.47 36.63
C GLN B 74 5.42 6.28 35.67
N SER B 75 5.42 5.08 36.24
CA SER B 75 5.46 3.86 35.46
C SER B 75 4.03 3.54 35.02
N ILE B 76 3.89 2.60 34.10
CA ILE B 76 2.58 2.18 33.59
C ILE B 76 1.69 1.66 34.73
N ASP B 77 2.29 0.89 35.63
CA ASP B 77 1.56 0.33 36.77
C ASP B 77 1.09 1.41 37.74
N GLU B 78 1.94 2.41 37.96
CA GLU B 78 1.60 3.52 38.84
C GLU B 78 0.37 4.26 38.31
N LEU B 79 0.37 4.51 37.01
CA LEU B 79 -0.74 5.22 36.34
C LEU B 79 -2.03 4.41 36.38
N MET B 80 -1.90 3.10 36.28
CA MET B 80 -3.06 2.22 36.31
C MET B 80 -3.72 2.20 37.69
N GLU B 81 -2.88 2.16 38.73
CA GLU B 81 -3.37 2.16 40.11
C GLU B 81 -4.05 3.50 40.38
N ALA B 82 -3.42 4.58 39.90
CA ALA B 82 -3.94 5.93 40.08
C ALA B 82 -5.30 6.07 39.39
N CYS B 83 -5.44 5.41 38.25
CA CYS B 83 -6.67 5.44 37.46
C CYS B 83 -7.80 4.79 38.23
N ARG B 84 -7.54 3.58 38.75
CA ARG B 84 -8.56 2.87 39.53
C ARG B 84 -8.92 3.69 40.75
N ASP B 85 -7.92 4.29 41.39
CA ASP B 85 -8.16 5.12 42.57
C ASP B 85 -9.12 6.28 42.27
N VAL B 86 -8.95 6.93 41.12
CA VAL B 86 -9.81 8.06 40.73
C VAL B 86 -11.26 7.62 40.59
N ILE B 87 -11.47 6.47 39.96
CA ILE B 87 -12.81 5.93 39.76
C ILE B 87 -13.47 5.58 41.10
N ARG B 88 -12.73 4.90 41.97
CA ARG B 88 -13.26 4.51 43.29
C ARG B 88 -13.57 5.74 44.12
N LYS B 89 -12.56 6.62 44.22
CA LYS B 89 -12.63 7.85 45.00
C LYS B 89 -13.84 8.73 44.66
N ASN B 90 -14.28 8.66 43.40
CA ASN B 90 -15.42 9.45 42.94
C ASN B 90 -16.72 8.65 42.88
N ASN B 91 -16.65 7.39 43.30
CA ASN B 91 -17.81 6.49 43.31
C ASN B 91 -18.48 6.30 41.96
N LEU B 92 -17.65 6.17 40.94
CA LEU B 92 -18.14 5.99 39.57
C LEU B 92 -18.18 4.52 39.23
N THR B 93 -19.24 4.09 38.55
CA THR B 93 -19.40 2.71 38.13
C THR B 93 -19.08 2.63 36.63
N SER B 94 -19.32 3.74 35.95
CA SER B 94 -19.02 3.86 34.52
C SER B 94 -18.65 5.32 34.29
N ALA B 95 -17.57 5.52 33.53
CA ALA B 95 -17.11 6.87 33.25
C ALA B 95 -16.12 6.91 32.10
N TYR B 96 -15.69 8.13 31.77
CA TYR B 96 -14.71 8.37 30.72
C TYR B 96 -13.52 8.92 31.49
N ILE B 97 -12.40 8.20 31.43
CA ILE B 97 -11.19 8.63 32.11
C ILE B 97 -10.33 9.42 31.15
N ARG B 98 -9.65 10.43 31.64
CA ARG B 98 -8.83 11.29 30.82
C ARG B 98 -7.44 11.60 31.37
N PRO B 99 -6.44 10.76 31.04
CA PRO B 99 -5.05 10.94 31.48
C PRO B 99 -4.42 12.03 30.62
N LEU B 100 -3.71 12.97 31.26
CA LEU B 100 -3.09 14.06 30.51
C LEU B 100 -1.69 14.33 31.06
N ILE B 101 -0.70 14.31 30.19
CA ILE B 101 0.68 14.58 30.54
C ILE B 101 1.02 15.85 29.78
N PHE B 102 1.37 16.92 30.49
CA PHE B 102 1.68 18.18 29.83
C PHE B 102 2.90 18.89 30.36
N VAL B 103 3.49 19.73 29.51
CA VAL B 103 4.65 20.52 29.90
C VAL B 103 4.06 21.73 30.63
N GLY B 104 4.37 21.83 31.92
CA GLY B 104 3.83 22.91 32.72
C GLY B 104 4.55 24.24 32.68
N ASP B 105 4.60 24.87 33.85
CA ASP B 105 5.20 26.17 34.05
C ASP B 105 6.72 26.17 33.95
N VAL B 106 7.24 26.10 32.73
CA VAL B 106 8.69 26.16 32.51
C VAL B 106 8.89 27.48 31.76
N GLY B 107 9.99 27.65 31.04
CA GLY B 107 10.15 28.92 30.32
C GLY B 107 9.18 29.12 29.16
N MET B 108 9.34 30.23 28.44
CA MET B 108 8.51 30.54 27.30
C MET B 108 9.19 30.13 25.98
N GLY B 109 10.36 29.51 26.10
CA GLY B 109 11.07 29.04 24.92
C GLY B 109 10.37 27.79 24.44
N VAL B 110 10.34 27.58 23.13
CA VAL B 110 9.68 26.41 22.54
C VAL B 110 10.22 25.11 23.12
N ASN B 111 11.54 25.02 23.23
CA ASN B 111 12.19 23.85 23.78
C ASN B 111 12.32 24.02 25.30
N PRO B 112 11.75 23.09 26.08
CA PRO B 112 11.84 23.21 27.54
C PRO B 112 13.29 23.03 27.95
N PRO B 113 13.70 23.67 29.08
CA PRO B 113 15.07 23.57 29.59
C PRO B 113 15.38 22.17 30.11
N ALA B 114 16.61 21.73 29.87
CA ALA B 114 17.04 20.40 30.30
C ALA B 114 16.79 20.18 31.80
N GLY B 115 16.32 18.99 32.14
CA GLY B 115 16.04 18.70 33.53
C GLY B 115 14.62 19.00 33.98
N TYR B 116 13.78 19.44 33.04
CA TYR B 116 12.39 19.73 33.40
C TYR B 116 11.64 18.42 33.57
N SER B 117 10.46 18.50 34.18
CA SER B 117 9.62 17.33 34.39
C SER B 117 8.21 17.73 34.01
N THR B 118 7.40 16.75 33.61
CA THR B 118 6.03 17.03 33.21
C THR B 118 5.02 16.87 34.34
N ASP B 119 3.86 17.50 34.19
CA ASP B 119 2.78 17.41 35.16
C ASP B 119 1.82 16.36 34.60
N VAL B 120 1.26 15.54 35.48
CA VAL B 120 0.33 14.50 35.04
C VAL B 120 -1.00 14.66 35.77
N ILE B 121 -2.09 14.40 35.04
CA ILE B 121 -3.45 14.53 35.57
C ILE B 121 -4.30 13.38 35.10
N ILE B 122 -5.22 12.94 35.95
CA ILE B 122 -6.13 11.87 35.57
C ILE B 122 -7.49 12.25 36.11
N ALA B 123 -8.39 12.60 35.20
CA ALA B 123 -9.75 12.99 35.54
C ALA B 123 -10.76 11.99 34.99
N ALA B 124 -11.75 11.64 35.80
CA ALA B 124 -12.78 10.71 35.38
C ALA B 124 -14.14 11.36 35.61
N PHE B 125 -15.08 11.10 34.72
CA PHE B 125 -16.40 11.68 34.82
C PHE B 125 -17.32 10.94 33.86
N PRO B 126 -18.62 10.84 34.18
CA PRO B 126 -19.53 10.14 33.27
C PRO B 126 -19.75 10.93 31.97
N TRP B 127 -19.68 10.24 30.83
CA TRP B 127 -19.87 10.86 29.51
C TRP B 127 -20.71 9.93 28.63
N GLY B 128 -21.73 10.48 27.98
CA GLY B 128 -22.59 9.69 27.12
C GLY B 128 -21.96 9.35 25.79
N ALA B 129 -22.80 9.03 24.80
CA ALA B 129 -22.32 8.68 23.45
C ALA B 129 -21.80 9.94 22.76
N TYR B 130 -20.57 9.88 22.27
CA TYR B 130 -19.93 11.01 21.61
C TYR B 130 -20.69 11.62 20.41
N LEU B 131 -21.31 10.78 19.59
CA LEU B 131 -22.02 11.29 18.42
C LEU B 131 -23.53 11.45 18.59
N GLY B 132 -24.03 11.14 19.80
CA GLY B 132 -25.45 11.27 20.08
C GLY B 132 -26.09 10.06 20.73
N ALA B 133 -27.32 10.26 21.25
CA ALA B 133 -28.07 9.19 21.91
C ALA B 133 -28.50 8.07 20.95
N GLU B 134 -29.12 8.48 19.84
CA GLU B 134 -29.62 7.55 18.81
C GLU B 134 -28.54 6.99 17.90
N ALA B 135 -27.41 7.68 17.83
CA ALA B 135 -26.26 7.31 16.99
C ALA B 135 -25.87 5.84 16.89
N LEU B 136 -25.89 5.12 18.01
CA LEU B 136 -25.50 3.70 18.00
C LEU B 136 -26.50 2.79 17.27
N GLU B 137 -27.80 3.06 17.43
CA GLU B 137 -28.82 2.24 16.77
C GLU B 137 -29.09 2.71 15.35
N GLN B 138 -29.43 3.99 15.21
CA GLN B 138 -29.67 4.60 13.90
C GLN B 138 -28.30 5.19 13.58
N GLY B 139 -27.87 5.18 12.32
CA GLY B 139 -26.55 5.72 12.03
C GLY B 139 -26.44 7.24 12.14
N ILE B 140 -25.36 7.80 11.61
CA ILE B 140 -25.17 9.25 11.58
C ILE B 140 -24.89 9.64 10.13
N ASP B 141 -25.05 10.92 9.82
CA ASP B 141 -24.79 11.40 8.47
C ASP B 141 -23.41 12.05 8.51
N ALA B 142 -22.50 11.58 7.67
CA ALA B 142 -21.15 12.11 7.63
C ALA B 142 -20.87 12.88 6.34
N MET B 143 -19.87 13.76 6.40
CA MET B 143 -19.48 14.59 5.27
C MET B 143 -17.98 14.51 5.07
N VAL B 144 -17.53 14.46 3.81
CA VAL B 144 -16.11 14.44 3.53
C VAL B 144 -15.66 15.89 3.59
N SER B 145 -14.76 16.17 4.53
CA SER B 145 -14.25 17.51 4.76
C SER B 145 -13.31 18.03 3.67
N SER B 146 -13.22 19.35 3.57
CA SER B 146 -12.36 20.01 2.60
C SER B 146 -10.95 20.18 3.17
N TRP B 147 -10.79 19.88 4.46
CA TRP B 147 -9.51 19.96 5.17
C TRP B 147 -8.88 18.56 5.23
N ASN B 148 -7.60 18.48 4.92
CA ASN B 148 -6.87 17.21 4.93
C ASN B 148 -6.14 16.96 6.25
N ARG B 149 -5.85 15.70 6.55
CA ARG B 149 -5.13 15.37 7.76
C ARG B 149 -3.63 15.48 7.54
N ALA B 150 -2.89 15.66 8.63
CA ALA B 150 -1.44 15.84 8.60
C ALA B 150 -0.64 14.90 7.70
N ALA B 151 0.32 15.48 6.99
CA ALA B 151 1.20 14.72 6.10
C ALA B 151 2.11 13.83 6.94
N PRO B 152 2.54 12.68 6.38
CA PRO B 152 3.41 11.67 6.98
C PRO B 152 4.58 12.07 7.90
N ASN B 153 5.49 12.92 7.42
CA ASN B 153 6.65 13.27 8.24
C ASN B 153 6.64 14.72 8.74
N THR B 154 5.50 15.13 9.29
CA THR B 154 5.37 16.49 9.80
C THR B 154 5.12 16.43 11.30
N ILE B 155 3.89 16.10 11.68
CA ILE B 155 3.50 15.99 13.07
C ILE B 155 2.99 14.56 13.16
N PRO B 156 3.73 13.67 13.84
CA PRO B 156 3.39 12.26 14.01
C PRO B 156 1.93 12.00 14.38
N THR B 157 1.25 11.26 13.51
CA THR B 157 -0.16 10.92 13.70
C THR B 157 -0.38 9.73 14.62
N ALA B 158 0.69 8.98 14.87
CA ALA B 158 0.62 7.80 15.74
C ALA B 158 0.51 8.23 17.21
N ALA B 159 0.90 9.47 17.47
CA ALA B 159 0.83 10.01 18.82
C ALA B 159 -0.47 10.75 19.02
N LYS B 160 -1.02 10.62 20.22
CA LYS B 160 -2.26 11.30 20.56
C LYS B 160 -1.84 12.53 21.40
N ALA B 161 -1.43 13.58 20.70
CA ALA B 161 -0.99 14.82 21.34
C ALA B 161 -2.00 15.96 21.19
N GLY B 162 -1.97 16.89 22.14
CA GLY B 162 -2.87 18.02 22.12
C GLY B 162 -2.91 18.80 20.82
N GLY B 163 -1.76 19.27 20.36
CA GLY B 163 -1.68 20.04 19.13
C GLY B 163 -2.29 19.43 17.88
N ASN B 164 -2.45 18.10 17.89
CA ASN B 164 -3.03 17.37 16.77
C ASN B 164 -4.47 17.77 16.52
N TYR B 165 -5.19 18.11 17.59
CA TYR B 165 -6.60 18.43 17.50
C TYR B 165 -7.08 19.73 16.87
N LEU B 166 -6.15 20.54 16.39
CA LEU B 166 -6.52 21.77 15.68
C LEU B 166 -7.11 21.28 14.36
N SER B 167 -6.54 20.18 13.87
CA SER B 167 -6.98 19.54 12.62
C SER B 167 -8.37 18.93 12.81
N SER B 168 -8.55 18.20 13.92
CA SER B 168 -9.82 17.56 14.23
C SER B 168 -10.90 18.61 14.46
N LEU B 169 -10.51 19.77 14.95
CA LEU B 169 -11.45 20.86 15.20
C LEU B 169 -11.95 21.39 13.85
N LEU B 170 -11.05 21.53 12.89
CA LEU B 170 -11.40 22.04 11.57
C LEU B 170 -12.30 21.07 10.80
N VAL B 171 -11.94 19.79 10.81
CA VAL B 171 -12.70 18.76 10.12
C VAL B 171 -14.09 18.58 10.72
N GLY B 172 -14.13 18.43 12.04
CA GLY B 172 -15.39 18.24 12.73
C GLY B 172 -16.36 19.40 12.74
N SER B 173 -15.83 20.63 12.84
CA SER B 173 -16.70 21.81 12.86
C SER B 173 -17.31 22.06 11.50
N GLU B 174 -16.56 21.77 10.44
CA GLU B 174 -17.07 21.97 9.10
C GLU B 174 -18.29 21.10 8.85
N ALA B 175 -18.21 19.85 9.28
CA ALA B 175 -19.30 18.90 9.12
C ALA B 175 -20.54 19.36 9.89
N ARG B 176 -20.37 19.73 11.15
CA ARG B 176 -21.47 20.19 12.00
C ARG B 176 -22.07 21.52 11.56
N ARG B 177 -21.27 22.36 10.93
CA ARG B 177 -21.73 23.66 10.44
C ARG B 177 -22.70 23.46 9.28
N HIS B 178 -22.52 22.35 8.55
CA HIS B 178 -23.38 22.02 7.42
C HIS B 178 -24.49 21.03 7.70
N GLY B 179 -24.71 20.72 8.97
CA GLY B 179 -25.78 19.80 9.32
C GLY B 179 -25.47 18.32 9.48
N TYR B 180 -24.20 17.95 9.36
CA TYR B 180 -23.81 16.55 9.52
C TYR B 180 -23.34 16.29 10.95
N GLN B 181 -23.32 15.02 11.37
CA GLN B 181 -22.89 14.68 12.71
C GLN B 181 -21.38 14.55 12.89
N GLU B 182 -20.69 14.20 11.82
CA GLU B 182 -19.23 14.08 11.88
C GLU B 182 -18.59 14.23 10.50
N GLY B 183 -17.32 14.62 10.50
CA GLY B 183 -16.58 14.80 9.26
C GLY B 183 -15.55 13.72 9.04
N ILE B 184 -15.38 13.34 7.78
CA ILE B 184 -14.41 12.33 7.36
C ILE B 184 -13.30 13.07 6.61
N ALA B 185 -12.06 12.87 7.03
CA ALA B 185 -10.93 13.53 6.39
C ALA B 185 -10.12 12.64 5.48
N LEU B 186 -9.58 13.23 4.42
CA LEU B 186 -8.74 12.52 3.48
C LEU B 186 -7.31 12.95 3.81
N ASP B 187 -6.32 12.16 3.41
CA ASP B 187 -4.95 12.55 3.68
C ASP B 187 -4.52 13.50 2.55
N VAL B 188 -3.24 13.86 2.49
CA VAL B 188 -2.76 14.78 1.46
C VAL B 188 -2.74 14.21 0.05
N ASN B 189 -2.86 12.89 -0.06
CA ASN B 189 -2.86 12.18 -1.33
C ASN B 189 -4.24 12.04 -1.93
N GLY B 190 -5.27 12.28 -1.11
CA GLY B 190 -6.64 12.17 -1.57
C GLY B 190 -7.30 10.87 -1.20
N TYR B 191 -6.69 10.11 -0.30
CA TYR B 191 -7.25 8.83 0.14
C TYR B 191 -7.91 9.03 1.49
N ILE B 192 -8.77 8.10 1.87
CA ILE B 192 -9.47 8.18 3.15
C ILE B 192 -8.50 7.97 4.32
N SER B 193 -8.57 8.86 5.29
CA SER B 193 -7.71 8.79 6.47
C SER B 193 -8.54 8.23 7.63
N GLU B 194 -9.47 9.06 8.11
CA GLU B 194 -10.34 8.70 9.22
C GLU B 194 -11.28 9.85 9.53
N GLY B 195 -12.14 9.66 10.54
CA GLY B 195 -13.06 10.72 10.93
C GLY B 195 -12.28 11.74 11.75
N ALA B 196 -12.93 12.83 12.13
CA ALA B 196 -12.28 13.88 12.91
C ALA B 196 -11.65 13.37 14.21
N GLY B 197 -12.31 12.40 14.85
CA GLY B 197 -11.80 11.85 16.09
C GLY B 197 -12.12 10.37 16.24
N GLU B 198 -12.15 9.65 15.13
CA GLU B 198 -12.45 8.23 15.17
C GLU B 198 -12.02 7.53 13.89
N ASN B 199 -11.63 6.26 14.01
CA ASN B 199 -11.20 5.49 12.84
C ASN B 199 -12.39 5.11 11.96
N LEU B 200 -12.12 4.92 10.68
CA LEU B 200 -13.15 4.60 9.70
C LEU B 200 -13.06 3.16 9.21
N PHE B 201 -14.21 2.51 9.10
CA PHE B 201 -14.30 1.13 8.63
C PHE B 201 -15.34 1.04 7.52
N GLU B 202 -15.04 0.24 6.50
CA GLU B 202 -15.97 0.02 5.41
C GLU B 202 -16.31 -1.47 5.44
N VAL B 203 -17.30 -1.89 4.66
CA VAL B 203 -17.68 -3.29 4.59
C VAL B 203 -18.18 -3.50 3.18
N LYS B 204 -17.43 -4.23 2.38
CA LYS B 204 -17.84 -4.49 1.01
C LYS B 204 -18.60 -5.82 0.91
N ASP B 205 -18.09 -6.79 0.16
CA ASP B 205 -18.81 -8.05 0.03
C ASP B 205 -18.51 -8.98 1.21
N GLY B 206 -18.98 -8.57 2.39
CA GLY B 206 -18.75 -9.34 3.60
C GLY B 206 -17.36 -9.17 4.20
N VAL B 207 -16.53 -8.34 3.57
CA VAL B 207 -15.17 -8.08 4.02
C VAL B 207 -15.06 -6.69 4.67
N LEU B 208 -14.31 -6.59 5.78
CA LEU B 208 -14.15 -5.31 6.50
C LEU B 208 -13.54 -4.12 5.73
N PHE B 209 -12.23 -3.89 5.85
CA PHE B 209 -11.53 -2.76 5.18
C PHE B 209 -11.32 -1.57 6.11
N THR B 210 -10.06 -1.20 6.31
CA THR B 210 -9.71 -0.06 7.14
C THR B 210 -8.39 0.51 6.60
N PRO B 211 -8.22 1.83 6.65
CA PRO B 211 -6.99 2.45 6.17
C PRO B 211 -5.83 2.12 7.11
N PRO B 212 -4.63 1.94 6.56
CA PRO B 212 -3.44 1.64 7.37
C PRO B 212 -3.00 2.92 8.11
N PHE B 213 -2.10 2.80 9.08
CA PHE B 213 -1.63 3.97 9.83
C PHE B 213 -0.96 4.99 8.93
N THR B 214 -0.41 4.52 7.82
CA THR B 214 0.28 5.36 6.85
C THR B 214 -0.66 6.29 6.07
N SER B 215 -1.95 6.15 6.29
CA SER B 215 -2.94 7.02 5.65
C SER B 215 -3.25 8.12 6.67
N SER B 216 -2.31 8.36 7.58
CA SER B 216 -2.42 9.35 8.63
C SER B 216 -3.53 9.03 9.62
N ALA B 217 -3.82 7.74 9.76
CA ALA B 217 -4.85 7.29 10.68
C ALA B 217 -4.19 6.85 11.99
N LEU B 218 -4.69 7.35 13.11
CA LEU B 218 -4.14 7.01 14.43
C LEU B 218 -4.44 5.55 14.76
N PRO B 219 -3.46 4.84 15.35
CA PRO B 219 -3.59 3.43 15.73
C PRO B 219 -4.56 3.28 16.90
N GLY B 220 -5.85 3.38 16.61
CA GLY B 220 -6.86 3.27 17.64
C GLY B 220 -6.91 1.94 18.37
N ILE B 221 -7.19 1.99 19.67
CA ILE B 221 -7.30 0.81 20.50
C ILE B 221 -8.62 0.10 20.17
N THR B 222 -9.67 0.88 19.87
CA THR B 222 -10.96 0.31 19.52
C THR B 222 -10.84 -0.32 18.15
N ARG B 223 -10.08 0.34 17.27
CA ARG B 223 -9.82 -0.14 15.92
C ARG B 223 -9.19 -1.53 16.00
N ASP B 224 -8.19 -1.67 16.87
CA ASP B 224 -7.46 -2.90 17.08
C ASP B 224 -8.38 -4.00 17.63
N ALA B 225 -9.24 -3.63 18.57
CA ALA B 225 -10.18 -4.56 19.20
C ALA B 225 -11.16 -5.12 18.17
N ILE B 226 -11.65 -4.25 17.29
CA ILE B 226 -12.59 -4.63 16.26
C ILE B 226 -11.99 -5.60 15.27
N ILE B 227 -10.72 -5.40 14.96
CA ILE B 227 -9.99 -6.26 14.04
C ILE B 227 -9.84 -7.66 14.61
N LYS B 228 -9.57 -7.72 15.92
CA LYS B 228 -9.41 -8.99 16.62
C LYS B 228 -10.73 -9.70 16.84
N LEU B 229 -11.79 -8.93 17.06
CA LEU B 229 -13.12 -9.50 17.25
C LEU B 229 -13.62 -10.06 15.93
N ALA B 230 -13.38 -9.32 14.85
CA ALA B 230 -13.81 -9.73 13.52
C ALA B 230 -13.18 -11.06 13.15
N LYS B 231 -11.91 -11.24 13.51
CA LYS B 231 -11.21 -12.48 13.21
C LYS B 231 -11.77 -13.67 13.99
N GLU B 232 -12.37 -13.39 15.15
CA GLU B 232 -12.99 -14.44 15.95
C GLU B 232 -14.33 -14.82 15.33
N LEU B 233 -15.00 -13.85 14.70
CA LEU B 233 -16.29 -14.09 14.06
C LEU B 233 -16.13 -14.67 12.66
N GLY B 234 -14.89 -14.87 12.24
CA GLY B 234 -14.63 -15.41 10.92
C GLY B 234 -14.84 -14.42 9.78
N ILE B 235 -14.65 -13.13 10.08
CA ILE B 235 -14.82 -12.06 9.10
C ILE B 235 -13.44 -11.69 8.54
N GLU B 236 -13.32 -11.61 7.22
CA GLU B 236 -12.05 -11.25 6.61
C GLU B 236 -11.78 -9.76 6.78
N VAL B 237 -10.58 -9.44 7.26
CA VAL B 237 -10.19 -8.05 7.48
C VAL B 237 -9.06 -7.66 6.53
N ARG B 238 -9.18 -6.49 5.94
CA ARG B 238 -8.18 -5.99 5.00
C ARG B 238 -7.78 -4.57 5.33
N GLU B 239 -6.50 -4.40 5.62
CA GLU B 239 -5.95 -3.09 5.92
C GLU B 239 -5.32 -2.59 4.65
N GLN B 240 -6.01 -1.69 3.97
CA GLN B 240 -5.49 -1.15 2.73
C GLN B 240 -5.93 0.29 2.50
N VAL B 241 -5.21 0.97 1.63
CA VAL B 241 -5.53 2.34 1.28
C VAL B 241 -6.87 2.34 0.56
N LEU B 242 -7.76 3.24 0.94
CA LEU B 242 -9.08 3.33 0.34
C LEU B 242 -9.30 4.67 -0.34
N SER B 243 -9.91 4.65 -1.53
CA SER B 243 -10.19 5.87 -2.27
C SER B 243 -11.46 6.53 -1.75
N ARG B 244 -11.70 7.79 -2.10
CA ARG B 244 -12.90 8.45 -1.61
C ARG B 244 -14.19 7.81 -2.12
N GLU B 245 -14.19 7.41 -3.39
CA GLU B 245 -15.36 6.80 -4.03
C GLU B 245 -15.86 5.56 -3.29
N SER B 246 -14.94 4.83 -2.66
CA SER B 246 -15.30 3.61 -1.95
C SER B 246 -16.38 3.82 -0.90
N LEU B 247 -16.48 5.04 -0.37
CA LEU B 247 -17.50 5.34 0.63
C LEU B 247 -18.90 5.29 0.05
N TYR B 248 -19.00 5.54 -1.25
CA TYR B 248 -20.29 5.54 -1.94
C TYR B 248 -20.65 4.15 -2.43
N LEU B 249 -19.64 3.30 -2.61
CA LEU B 249 -19.86 1.95 -3.11
C LEU B 249 -19.92 0.88 -2.01
N ALA B 250 -19.56 1.25 -0.78
CA ALA B 250 -19.58 0.31 0.33
C ALA B 250 -20.98 -0.08 0.77
N ASP B 251 -21.12 -1.34 1.19
CA ASP B 251 -22.39 -1.85 1.69
C ASP B 251 -22.63 -1.31 3.09
N GLU B 252 -21.54 -1.14 3.84
CA GLU B 252 -21.63 -0.62 5.20
C GLU B 252 -20.40 0.22 5.50
N VAL B 253 -20.55 1.16 6.43
CA VAL B 253 -19.45 2.01 6.86
C VAL B 253 -19.74 2.46 8.28
N PHE B 254 -18.73 2.34 9.15
CA PHE B 254 -18.88 2.77 10.54
C PHE B 254 -17.59 3.35 11.12
N MET B 255 -17.74 4.07 12.23
CA MET B 255 -16.61 4.69 12.90
C MET B 255 -16.37 4.05 14.27
N SER B 256 -15.11 4.08 14.71
CA SER B 256 -14.73 3.50 16.00
C SER B 256 -13.88 4.47 16.82
N GLY B 257 -14.01 4.40 18.14
CA GLY B 257 -13.26 5.25 19.03
C GLY B 257 -13.66 4.95 20.46
N THR B 258 -12.88 5.40 21.43
CA THR B 258 -13.21 5.16 22.84
C THR B 258 -14.52 5.88 23.19
N ALA B 259 -14.61 7.14 22.79
CA ALA B 259 -15.80 7.95 23.05
C ALA B 259 -16.95 7.61 22.12
N ALA B 260 -16.63 7.39 20.84
CA ALA B 260 -17.66 7.08 19.86
C ALA B 260 -18.06 5.60 19.84
N GLU B 261 -17.24 4.75 20.46
CA GLU B 261 -17.48 3.31 20.51
C GLU B 261 -17.61 2.79 19.08
N ILE B 262 -18.77 2.26 18.70
CA ILE B 262 -18.95 1.76 17.34
C ILE B 262 -20.21 2.41 16.77
N THR B 263 -20.01 3.47 15.99
CA THR B 263 -21.13 4.20 15.40
C THR B 263 -21.29 3.99 13.90
N PRO B 264 -22.46 3.47 13.48
CA PRO B 264 -22.70 3.25 12.05
C PRO B 264 -22.95 4.57 11.33
N VAL B 265 -22.53 4.63 10.06
CA VAL B 265 -22.70 5.82 9.22
C VAL B 265 -23.75 5.47 8.17
N ARG B 266 -24.92 6.10 8.24
CA ARG B 266 -26.01 5.82 7.30
C ARG B 266 -25.91 6.53 5.96
N SER B 267 -25.06 7.55 5.88
CA SER B 267 -24.90 8.31 4.64
C SER B 267 -23.62 9.15 4.63
N VAL B 268 -23.05 9.33 3.44
CA VAL B 268 -21.85 10.14 3.28
C VAL B 268 -22.13 11.12 2.15
N ASP B 269 -22.04 12.41 2.46
CA ASP B 269 -22.28 13.47 1.49
C ASP B 269 -23.69 13.44 0.92
N GLY B 270 -24.66 13.00 1.71
CA GLY B 270 -26.03 12.93 1.25
C GLY B 270 -26.34 11.70 0.42
N ILE B 271 -25.35 10.83 0.27
CA ILE B 271 -25.53 9.58 -0.47
C ILE B 271 -25.69 8.45 0.54
N GLN B 272 -26.88 7.85 0.55
CA GLN B 272 -27.19 6.75 1.47
C GLN B 272 -26.29 5.53 1.35
N VAL B 273 -25.95 4.96 2.49
CA VAL B 273 -25.10 3.77 2.53
C VAL B 273 -25.99 2.54 2.71
N GLY B 274 -26.21 1.83 1.61
CA GLY B 274 -27.03 0.62 1.59
C GLY B 274 -28.11 0.47 2.64
N GLU B 275 -29.35 0.88 2.32
CA GLU B 275 -30.49 0.79 3.25
C GLU B 275 -30.70 1.94 4.22
N GLY B 276 -29.62 2.67 4.50
CA GLY B 276 -29.72 3.82 5.39
C GLY B 276 -29.88 3.53 6.86
N ARG B 277 -29.59 2.29 7.25
CA ARG B 277 -29.68 1.88 8.65
C ARG B 277 -28.42 1.10 8.98
N CYS B 278 -28.26 0.73 10.25
CA CYS B 278 -27.09 -0.04 10.68
C CYS B 278 -27.07 -1.35 9.91
N GLY B 279 -25.92 -1.67 9.32
CA GLY B 279 -25.81 -2.89 8.54
C GLY B 279 -25.63 -4.16 9.34
N PRO B 280 -25.73 -5.33 8.67
CA PRO B 280 -25.59 -6.68 9.25
C PRO B 280 -24.27 -6.91 9.97
N VAL B 281 -23.16 -6.69 9.26
CA VAL B 281 -21.83 -6.90 9.84
C VAL B 281 -21.55 -5.94 10.98
N THR B 282 -21.94 -4.68 10.84
CA THR B 282 -21.73 -3.68 11.89
C THR B 282 -22.49 -4.15 13.13
N LYS B 283 -23.68 -4.69 12.92
CA LYS B 283 -24.53 -5.19 14.00
C LYS B 283 -23.85 -6.33 14.75
N ARG B 284 -23.34 -7.32 14.01
CA ARG B 284 -22.66 -8.47 14.60
C ARG B 284 -21.49 -8.02 15.47
N ILE B 285 -20.72 -7.07 14.97
CA ILE B 285 -19.56 -6.54 15.68
C ILE B 285 -19.97 -5.74 16.93
N GLN B 286 -21.07 -4.98 16.83
CA GLN B 286 -21.57 -4.21 17.97
C GLN B 286 -21.97 -5.17 19.08
N GLN B 287 -22.73 -6.20 18.73
CA GLN B 287 -23.18 -7.20 19.69
C GLN B 287 -22.00 -7.93 20.33
N ALA B 288 -20.97 -8.22 19.52
CA ALA B 288 -19.79 -8.91 20.02
C ALA B 288 -18.97 -8.01 20.96
N PHE B 289 -18.93 -6.71 20.66
CA PHE B 289 -18.18 -5.75 21.47
C PHE B 289 -18.86 -5.51 22.82
N PHE B 290 -20.15 -5.19 22.80
CA PHE B 290 -20.90 -4.94 24.02
C PHE B 290 -21.13 -6.22 24.81
N GLY B 291 -21.01 -7.36 24.13
CA GLY B 291 -21.19 -8.64 24.78
C GLY B 291 -20.08 -8.93 25.79
N LEU B 292 -18.98 -8.19 25.69
CA LEU B 292 -17.85 -8.36 26.61
C LEU B 292 -18.22 -7.93 28.03
N PHE B 293 -19.14 -6.97 28.11
CA PHE B 293 -19.57 -6.43 29.40
C PHE B 293 -20.81 -7.13 29.96
N THR B 294 -21.32 -8.10 29.20
CA THR B 294 -22.50 -8.87 29.62
C THR B 294 -22.05 -10.31 29.94
N GLY B 295 -20.89 -10.69 29.42
CA GLY B 295 -20.37 -12.04 29.64
C GLY B 295 -20.64 -12.93 28.44
N GLU B 296 -21.51 -12.49 27.52
CA GLU B 296 -21.84 -13.26 26.33
C GLU B 296 -20.61 -13.49 25.47
N THR B 297 -19.75 -12.49 25.39
CA THR B 297 -18.51 -12.62 24.63
C THR B 297 -17.39 -12.85 25.64
N GLU B 298 -16.71 -13.98 25.52
CA GLU B 298 -15.64 -14.31 26.45
C GLU B 298 -14.43 -13.43 26.19
N ASP B 299 -13.88 -12.87 27.27
CA ASP B 299 -12.71 -12.02 27.20
C ASP B 299 -11.44 -12.88 27.10
N LYS B 300 -11.15 -13.36 25.88
CA LYS B 300 -9.99 -14.20 25.64
C LYS B 300 -8.64 -13.48 25.67
N TRP B 301 -8.66 -12.14 25.56
CA TRP B 301 -7.43 -11.37 25.53
C TRP B 301 -7.09 -10.66 26.83
N GLY B 302 -8.03 -10.65 27.77
CA GLY B 302 -7.79 -9.98 29.04
C GLY B 302 -7.90 -8.46 28.89
N TRP B 303 -8.94 -8.03 28.17
CA TRP B 303 -9.19 -6.60 27.94
C TRP B 303 -9.93 -5.93 29.08
N LEU B 304 -10.54 -6.72 29.96
CA LEU B 304 -11.27 -6.16 31.08
C LEU B 304 -10.44 -6.13 32.36
N ASP B 305 -10.12 -4.92 32.81
CA ASP B 305 -9.34 -4.73 34.03
C ASP B 305 -10.27 -4.27 35.15
N GLN B 306 -10.42 -5.12 36.16
CA GLN B 306 -11.29 -4.81 37.29
C GLN B 306 -10.83 -3.65 38.17
N VAL B 307 -11.77 -2.78 38.48
CA VAL B 307 -11.48 -1.63 39.32
C VAL B 307 -11.45 -2.05 40.79
N ASN B 308 -12.36 -2.98 41.13
CA ASN B 308 -12.56 -3.51 42.48
C ASN B 308 -13.47 -2.53 43.23
N LYS C 5 -22.57 -1.43 -36.38
CA LYS C 5 -23.87 -1.14 -37.05
C LYS C 5 -24.86 -2.30 -36.91
N ALA C 6 -26.11 -1.96 -36.59
CA ALA C 6 -27.19 -2.93 -36.43
C ALA C 6 -28.52 -2.27 -36.80
N ASP C 7 -29.63 -2.97 -36.59
CA ASP C 7 -30.93 -2.43 -36.97
C ASP C 7 -31.68 -1.56 -35.95
N TYR C 8 -31.62 -1.94 -34.67
CA TYR C 8 -32.34 -1.19 -33.64
C TYR C 8 -31.48 -0.84 -32.44
N ILE C 9 -31.88 0.24 -31.77
CA ILE C 9 -31.21 0.72 -30.58
C ILE C 9 -32.30 1.02 -29.56
N TRP C 10 -32.12 0.56 -28.33
CA TRP C 10 -33.08 0.81 -27.27
C TRP C 10 -32.85 2.24 -26.81
N PHE C 11 -33.88 3.07 -26.88
CA PHE C 11 -33.79 4.47 -26.53
C PHE C 11 -34.95 4.88 -25.62
N ASN C 12 -34.65 5.09 -24.34
CA ASN C 12 -35.65 5.46 -23.34
C ASN C 12 -36.87 4.55 -23.31
N GLY C 13 -36.64 3.25 -23.45
CA GLY C 13 -37.72 2.29 -23.43
C GLY C 13 -38.28 1.88 -24.78
N GLU C 14 -37.87 2.56 -25.85
CA GLU C 14 -38.38 2.26 -27.18
C GLU C 14 -37.34 1.69 -28.13
N MET C 15 -37.77 0.72 -28.94
CA MET C 15 -36.89 0.12 -29.93
C MET C 15 -36.94 1.06 -31.15
N VAL C 16 -35.91 1.88 -31.30
CA VAL C 16 -35.83 2.84 -32.39
C VAL C 16 -34.87 2.31 -33.47
N ARG C 17 -35.11 2.66 -34.73
CA ARG C 17 -34.22 2.21 -35.79
C ARG C 17 -32.91 2.95 -35.63
N TRP C 18 -31.80 2.25 -35.86
CA TRP C 18 -30.47 2.83 -35.73
C TRP C 18 -30.35 4.25 -36.28
N GLU C 19 -30.78 4.42 -37.53
CA GLU C 19 -30.72 5.70 -38.22
C GLU C 19 -31.48 6.85 -37.57
N ASP C 20 -32.53 6.52 -36.82
CA ASP C 20 -33.35 7.54 -36.15
C ASP C 20 -32.96 7.83 -34.71
N ALA C 21 -31.91 7.18 -34.21
CA ALA C 21 -31.47 7.38 -32.84
C ALA C 21 -30.61 8.63 -32.74
N LYS C 22 -31.25 9.78 -32.86
CA LYS C 22 -30.54 11.05 -32.80
C LYS C 22 -30.90 11.85 -31.57
N VAL C 23 -29.98 12.75 -31.20
CA VAL C 23 -30.15 13.58 -30.02
C VAL C 23 -29.71 15.01 -30.39
N HIS C 24 -30.26 16.01 -29.72
CA HIS C 24 -29.90 17.37 -30.05
C HIS C 24 -28.43 17.70 -29.80
N VAL C 25 -27.91 18.59 -30.62
CA VAL C 25 -26.51 19.00 -30.54
C VAL C 25 -26.19 19.85 -29.29
N MET C 26 -27.23 20.29 -28.57
CA MET C 26 -27.06 21.09 -27.37
C MET C 26 -27.25 20.21 -26.13
N SER C 27 -27.09 18.90 -26.33
CA SER C 27 -27.20 17.94 -25.23
C SER C 27 -26.02 18.17 -24.31
N HIS C 28 -26.31 18.28 -23.01
CA HIS C 28 -25.30 18.53 -21.98
C HIS C 28 -24.04 17.67 -22.11
N ALA C 29 -24.22 16.36 -22.28
CA ALA C 29 -23.10 15.42 -22.39
C ALA C 29 -22.13 15.70 -23.54
N LEU C 30 -22.61 16.33 -24.60
CA LEU C 30 -21.75 16.66 -25.74
C LEU C 30 -20.79 17.80 -25.43
N HIS C 31 -21.19 18.69 -24.51
CA HIS C 31 -20.37 19.83 -24.14
C HIS C 31 -19.59 19.65 -22.84
N TYR C 32 -20.11 18.84 -21.93
CA TYR C 32 -19.48 18.67 -20.63
C TYR C 32 -19.05 17.28 -20.20
N GLY C 33 -19.12 16.31 -21.11
CA GLY C 33 -18.73 14.95 -20.78
C GLY C 33 -19.56 14.26 -19.72
N THR C 34 -20.75 14.80 -19.47
CA THR C 34 -21.67 14.27 -18.47
C THR C 34 -22.43 13.01 -18.88
N SER C 35 -21.69 11.92 -19.04
CA SER C 35 -22.28 10.66 -19.40
C SER C 35 -21.57 9.54 -18.63
N VAL C 36 -22.26 8.42 -18.48
CA VAL C 36 -21.73 7.26 -17.79
C VAL C 36 -22.10 6.09 -18.70
N PHE C 37 -21.17 5.16 -18.90
CA PHE C 37 -21.41 4.04 -19.79
C PHE C 37 -20.79 2.72 -19.33
N GLU C 38 -21.11 1.65 -20.05
CA GLU C 38 -20.57 0.33 -19.77
C GLU C 38 -20.14 -0.35 -21.05
N GLY C 39 -19.43 -1.45 -20.89
CA GLY C 39 -18.98 -2.24 -22.01
C GLY C 39 -19.32 -3.67 -21.62
N ILE C 40 -20.24 -4.29 -22.34
CA ILE C 40 -20.65 -5.65 -22.03
C ILE C 40 -20.48 -6.52 -23.26
N ARG C 41 -20.21 -7.79 -23.06
CA ARG C 41 -20.06 -8.69 -24.19
C ARG C 41 -21.01 -9.86 -24.17
N CYS C 42 -21.54 -10.20 -25.33
CA CYS C 42 -22.44 -11.32 -25.50
C CYS C 42 -21.63 -12.35 -26.29
N TYR C 43 -21.56 -13.57 -25.77
CA TYR C 43 -20.83 -14.64 -26.42
C TYR C 43 -21.72 -15.78 -26.85
N ASP C 44 -21.37 -16.40 -27.96
CA ASP C 44 -22.10 -17.55 -28.47
C ASP C 44 -21.43 -18.69 -27.70
N SER C 45 -22.20 -19.39 -26.87
CA SER C 45 -21.64 -20.48 -26.07
C SER C 45 -22.31 -21.84 -26.28
N HIS C 46 -21.91 -22.80 -25.45
CA HIS C 46 -22.44 -24.15 -25.49
C HIS C 46 -23.92 -24.18 -25.10
N LYS C 47 -24.39 -23.07 -24.53
CA LYS C 47 -25.79 -22.96 -24.13
C LYS C 47 -26.46 -21.79 -24.84
N GLY C 48 -25.93 -21.46 -26.03
CA GLY C 48 -26.48 -20.36 -26.80
C GLY C 48 -25.92 -19.01 -26.40
N PRO C 49 -26.42 -17.91 -27.01
CA PRO C 49 -25.96 -16.55 -26.71
C PRO C 49 -26.09 -16.24 -25.22
N VAL C 50 -25.01 -15.76 -24.65
CA VAL C 50 -24.98 -15.47 -23.23
C VAL C 50 -24.21 -14.18 -22.93
N VAL C 51 -24.76 -13.37 -22.02
CA VAL C 51 -24.12 -12.11 -21.63
C VAL C 51 -23.21 -12.34 -20.42
N PHE C 52 -21.92 -12.10 -20.61
CA PHE C 52 -20.93 -12.28 -19.56
C PHE C 52 -21.04 -11.24 -18.46
N ARG C 53 -21.28 -11.71 -17.23
CA ARG C 53 -21.43 -10.87 -16.04
C ARG C 53 -22.35 -9.68 -16.28
N HIS C 54 -23.55 -9.97 -16.78
CA HIS C 54 -24.55 -8.96 -17.09
C HIS C 54 -24.96 -8.09 -15.90
N ARG C 55 -25.39 -8.72 -14.80
CA ARG C 55 -25.83 -7.97 -13.64
C ARG C 55 -24.72 -7.09 -13.09
N GLU C 56 -23.51 -7.63 -13.01
CA GLU C 56 -22.35 -6.89 -12.50
C GLU C 56 -22.13 -5.58 -13.25
N HIS C 57 -22.22 -5.63 -14.58
CA HIS C 57 -22.04 -4.46 -15.41
C HIS C 57 -23.16 -3.42 -15.24
N MET C 58 -24.39 -3.90 -15.09
CA MET C 58 -25.52 -2.99 -14.89
C MET C 58 -25.47 -2.34 -13.51
N GLN C 59 -24.93 -3.09 -12.55
CA GLN C 59 -24.77 -2.61 -11.18
C GLN C 59 -23.71 -1.52 -11.14
N ARG C 60 -22.68 -1.67 -11.98
CA ARG C 60 -21.60 -0.69 -12.05
C ARG C 60 -22.08 0.59 -12.75
N LEU C 61 -23.02 0.43 -13.68
CA LEU C 61 -23.60 1.55 -14.40
C LEU C 61 -24.32 2.44 -13.38
N HIS C 62 -25.08 1.79 -12.50
CA HIS C 62 -25.81 2.50 -11.45
C HIS C 62 -24.86 3.14 -10.46
N ASP C 63 -23.76 2.45 -10.18
CA ASP C 63 -22.75 2.94 -9.26
C ASP C 63 -22.07 4.20 -9.80
N SER C 64 -21.75 4.19 -11.09
CA SER C 64 -21.10 5.33 -11.73
C SER C 64 -22.05 6.54 -11.77
N ALA C 65 -23.33 6.27 -11.96
CA ALA C 65 -24.32 7.33 -12.00
C ALA C 65 -24.55 7.87 -10.59
N LYS C 66 -24.44 7.00 -9.59
CA LYS C 66 -24.65 7.39 -8.20
C LYS C 66 -23.59 8.35 -7.71
N ILE C 67 -22.36 8.12 -8.15
CA ILE C 67 -21.22 8.97 -7.78
C ILE C 67 -21.42 10.40 -8.27
N TYR C 68 -21.94 10.54 -9.48
CA TYR C 68 -22.18 11.85 -10.07
C TYR C 68 -23.57 12.38 -9.77
N ARG C 69 -24.38 11.55 -9.12
CA ARG C 69 -25.74 11.90 -8.74
C ARG C 69 -26.69 12.10 -9.91
N PHE C 70 -26.45 11.35 -11.00
CA PHE C 70 -27.30 11.39 -12.17
C PHE C 70 -28.52 10.53 -11.87
N PRO C 71 -29.74 11.09 -12.00
CA PRO C 71 -30.95 10.33 -11.72
C PRO C 71 -31.19 9.25 -12.76
N VAL C 72 -31.36 8.02 -12.31
CA VAL C 72 -31.59 6.87 -13.18
C VAL C 72 -32.97 6.33 -12.86
N SER C 73 -33.91 6.44 -13.81
CA SER C 73 -35.26 5.96 -13.59
C SER C 73 -35.45 4.45 -13.77
N GLN C 74 -34.54 3.80 -14.49
CA GLN C 74 -34.65 2.36 -14.71
C GLN C 74 -33.91 1.52 -13.66
N SER C 75 -34.54 0.44 -13.24
CA SER C 75 -33.94 -0.45 -12.26
C SER C 75 -32.93 -1.34 -12.99
N ILE C 76 -32.09 -2.02 -12.23
CA ILE C 76 -31.09 -2.91 -12.82
C ILE C 76 -31.72 -4.02 -13.65
N ASP C 77 -32.86 -4.54 -13.16
CA ASP C 77 -33.58 -5.61 -13.85
C ASP C 77 -34.18 -5.13 -15.17
N GLU C 78 -34.70 -3.91 -15.17
CA GLU C 78 -35.29 -3.31 -16.38
C GLU C 78 -34.21 -3.17 -17.45
N LEU C 79 -33.03 -2.72 -17.04
CA LEU C 79 -31.91 -2.55 -17.96
C LEU C 79 -31.42 -3.88 -18.52
N MET C 80 -31.45 -4.92 -17.69
CA MET C 80 -31.01 -6.24 -18.14
C MET C 80 -31.98 -6.83 -19.16
N GLU C 81 -33.28 -6.64 -18.93
CA GLU C 81 -34.30 -7.14 -19.84
C GLU C 81 -34.20 -6.40 -21.16
N ALA C 82 -33.95 -5.09 -21.07
CA ALA C 82 -33.81 -4.24 -22.24
C ALA C 82 -32.60 -4.67 -23.06
N CYS C 83 -31.54 -5.07 -22.36
CA CYS C 83 -30.31 -5.51 -23.03
C CYS C 83 -30.56 -6.79 -23.82
N ARG C 84 -31.24 -7.76 -23.22
CA ARG C 84 -31.54 -9.02 -23.89
C ARG C 84 -32.45 -8.76 -25.09
N ASP C 85 -33.38 -7.82 -24.93
CA ASP C 85 -34.32 -7.42 -25.96
C ASP C 85 -33.56 -6.91 -27.20
N VAL C 86 -32.58 -6.04 -26.98
CA VAL C 86 -31.79 -5.47 -28.07
C VAL C 86 -31.05 -6.54 -28.85
N ILE C 87 -30.47 -7.50 -28.12
CA ILE C 87 -29.72 -8.59 -28.74
C ILE C 87 -30.64 -9.44 -29.61
N ARG C 88 -31.81 -9.80 -29.09
CA ARG C 88 -32.78 -10.62 -29.82
C ARG C 88 -33.33 -9.89 -31.04
N LYS C 89 -33.77 -8.66 -30.81
CA LYS C 89 -34.35 -7.81 -31.86
C LYS C 89 -33.42 -7.64 -33.05
N ASN C 90 -32.12 -7.67 -32.80
CA ASN C 90 -31.15 -7.51 -33.87
C ASN C 90 -30.58 -8.82 -34.41
N ASN C 91 -31.08 -9.94 -33.87
CA ASN C 91 -30.66 -11.28 -34.28
C ASN C 91 -29.16 -11.51 -34.12
N LEU C 92 -28.63 -11.06 -33.00
CA LEU C 92 -27.22 -11.17 -32.69
C LEU C 92 -26.97 -12.38 -31.80
N THR C 93 -25.92 -13.14 -32.10
CA THR C 93 -25.57 -14.29 -31.30
C THR C 93 -24.33 -13.97 -30.45
N SER C 94 -23.56 -13.00 -30.92
CA SER C 94 -22.37 -12.51 -30.24
C SER C 94 -22.28 -11.04 -30.60
N ALA C 95 -22.01 -10.20 -29.62
CA ALA C 95 -21.92 -8.77 -29.86
C ALA C 95 -21.32 -8.02 -28.70
N TYR C 96 -21.12 -6.73 -28.92
CA TYR C 96 -20.60 -5.83 -27.91
C TYR C 96 -21.79 -4.92 -27.58
N ILE C 97 -22.22 -4.93 -26.33
CA ILE C 97 -23.33 -4.10 -25.90
C ILE C 97 -22.78 -2.81 -25.29
N ARG C 98 -23.48 -1.71 -25.54
CA ARG C 98 -23.05 -0.42 -25.04
C ARG C 98 -24.15 0.42 -24.38
N PRO C 99 -24.33 0.26 -23.06
CA PRO C 99 -25.34 1.02 -22.31
C PRO C 99 -24.74 2.41 -22.05
N LEU C 100 -25.53 3.46 -22.25
CA LEU C 100 -25.05 4.83 -22.05
C LEU C 100 -26.14 5.68 -21.41
N ILE C 101 -25.80 6.26 -20.26
CA ILE C 101 -26.71 7.14 -19.52
C ILE C 101 -26.08 8.53 -19.64
N PHE C 102 -26.81 9.47 -20.22
CA PHE C 102 -26.25 10.81 -20.39
C PHE C 102 -27.22 11.94 -20.10
N VAL C 103 -26.69 13.09 -19.74
CA VAL C 103 -27.51 14.26 -19.48
C VAL C 103 -27.81 14.84 -20.86
N GLY C 104 -29.08 14.88 -21.21
CA GLY C 104 -29.51 15.37 -22.50
C GLY C 104 -29.71 16.86 -22.64
N ASP C 105 -30.72 17.23 -23.42
CA ASP C 105 -31.03 18.62 -23.69
C ASP C 105 -31.64 19.36 -22.52
N VAL C 106 -30.79 19.83 -21.62
CA VAL C 106 -31.21 20.60 -20.46
C VAL C 106 -30.55 21.95 -20.71
N GLY C 107 -30.38 22.79 -19.69
CA GLY C 107 -29.73 24.05 -19.97
C GLY C 107 -28.24 23.95 -20.32
N MET C 108 -27.59 25.09 -20.48
CA MET C 108 -26.16 25.11 -20.80
C MET C 108 -25.32 25.34 -19.54
N GLY C 109 -25.99 25.43 -18.38
CA GLY C 109 -25.28 25.60 -17.12
C GLY C 109 -24.62 24.28 -16.80
N VAL C 110 -23.44 24.31 -16.19
CA VAL C 110 -22.73 23.08 -15.87
C VAL C 110 -23.58 22.16 -15.00
N ASN C 111 -24.26 22.73 -14.01
CA ASN C 111 -25.13 21.96 -13.13
C ASN C 111 -26.53 21.91 -13.69
N PRO C 112 -27.03 20.71 -14.01
CA PRO C 112 -28.37 20.61 -14.56
C PRO C 112 -29.41 21.08 -13.54
N PRO C 113 -30.54 21.62 -14.03
CA PRO C 113 -31.61 22.12 -13.14
C PRO C 113 -32.29 21.00 -12.37
N ALA C 114 -32.68 21.30 -11.14
CA ALA C 114 -33.34 20.33 -10.27
C ALA C 114 -34.55 19.72 -10.96
N GLY C 115 -34.74 18.42 -10.78
CA GLY C 115 -35.87 17.73 -11.38
C GLY C 115 -35.63 17.18 -12.78
N TYR C 116 -34.42 17.35 -13.29
CA TYR C 116 -34.10 16.84 -14.62
C TYR C 116 -33.99 15.32 -14.58
N SER C 117 -34.05 14.69 -15.75
CA SER C 117 -33.92 13.24 -15.85
C SER C 117 -32.94 12.94 -16.96
N THR C 118 -32.30 11.79 -16.88
CA THR C 118 -31.31 11.39 -17.88
C THR C 118 -31.91 10.56 -19.02
N ASP C 119 -31.19 10.53 -20.13
CA ASP C 119 -31.57 9.74 -21.31
C ASP C 119 -30.72 8.48 -21.26
N VAL C 120 -31.34 7.34 -21.58
CA VAL C 120 -30.64 6.06 -21.56
C VAL C 120 -30.69 5.43 -22.94
N ILE C 121 -29.58 4.79 -23.31
CA ILE C 121 -29.43 4.16 -24.61
C ILE C 121 -28.71 2.82 -24.47
N ILE C 122 -29.14 1.82 -25.23
CA ILE C 122 -28.47 0.52 -25.22
C ILE C 122 -28.32 0.07 -26.67
N ALA C 123 -27.09 0.09 -27.15
CA ALA C 123 -26.79 -0.33 -28.51
C ALA C 123 -25.93 -1.58 -28.51
N ALA C 124 -26.23 -2.53 -29.40
CA ALA C 124 -25.48 -3.77 -29.51
C ALA C 124 -25.03 -3.92 -30.96
N PHE C 125 -23.84 -4.46 -31.16
CA PHE C 125 -23.30 -4.65 -32.49
C PHE C 125 -22.07 -5.55 -32.42
N PRO C 126 -21.81 -6.34 -33.47
CA PRO C 126 -20.64 -7.22 -33.44
C PRO C 126 -19.34 -6.40 -33.46
N TRP C 127 -18.38 -6.78 -32.62
CA TRP C 127 -17.11 -6.07 -32.55
C TRP C 127 -16.00 -7.09 -32.35
N GLY C 128 -14.95 -6.96 -33.16
CA GLY C 128 -13.82 -7.87 -33.10
C GLY C 128 -12.85 -7.60 -31.97
N ALA C 129 -11.68 -8.24 -32.06
CA ALA C 129 -10.64 -8.07 -31.05
C ALA C 129 -10.20 -6.61 -31.02
N TYR C 130 -10.33 -5.99 -29.83
CA TYR C 130 -9.99 -4.59 -29.63
C TYR C 130 -8.56 -4.22 -29.99
N LEU C 131 -7.60 -5.05 -29.57
CA LEU C 131 -6.20 -4.78 -29.86
C LEU C 131 -5.63 -5.47 -31.11
N GLY C 132 -6.51 -6.03 -31.94
CA GLY C 132 -6.04 -6.69 -33.15
C GLY C 132 -6.40 -8.16 -33.17
N ALA C 133 -6.68 -8.69 -34.37
CA ALA C 133 -7.05 -10.08 -34.57
C ALA C 133 -6.01 -11.09 -34.03
N GLU C 134 -4.72 -10.80 -34.26
CA GLU C 134 -3.63 -11.67 -33.81
C GLU C 134 -3.19 -11.44 -32.37
N ALA C 135 -3.67 -10.34 -31.76
CA ALA C 135 -3.30 -9.98 -30.40
C ALA C 135 -3.50 -11.03 -29.29
N LEU C 136 -4.53 -11.87 -29.41
CA LEU C 136 -4.78 -12.87 -28.39
C LEU C 136 -3.76 -14.01 -28.36
N GLU C 137 -3.27 -14.43 -29.53
CA GLU C 137 -2.29 -15.52 -29.60
C GLU C 137 -0.87 -14.97 -29.47
N GLN C 138 -0.48 -14.05 -30.34
CA GLN C 138 0.85 -13.44 -30.27
C GLN C 138 0.59 -12.16 -29.45
N GLY C 139 1.52 -11.73 -28.62
CA GLY C 139 1.26 -10.55 -27.82
C GLY C 139 1.22 -9.23 -28.56
N ILE C 140 1.22 -8.13 -27.81
CA ILE C 140 1.23 -6.79 -28.40
C ILE C 140 2.44 -6.06 -27.82
N ASP C 141 2.91 -5.03 -28.51
CA ASP C 141 4.03 -4.25 -28.02
C ASP C 141 3.44 -2.99 -27.39
N ALA C 142 3.72 -2.79 -26.11
CA ALA C 142 3.22 -1.64 -25.38
C ALA C 142 4.31 -0.63 -25.04
N MET C 143 3.89 0.60 -24.78
CA MET C 143 4.79 1.69 -24.45
C MET C 143 4.30 2.40 -23.20
N VAL C 144 5.23 2.81 -22.33
CA VAL C 144 4.85 3.56 -21.14
C VAL C 144 4.71 5.00 -21.59
N SER C 145 3.50 5.53 -21.46
CA SER C 145 3.14 6.88 -21.85
C SER C 145 3.74 7.97 -20.98
N SER C 146 3.90 9.15 -21.57
CA SER C 146 4.41 10.31 -20.87
C SER C 146 3.28 11.06 -20.16
N TRP C 147 2.04 10.62 -20.38
CA TRP C 147 0.85 11.21 -19.75
C TRP C 147 0.42 10.35 -18.59
N ASN C 148 0.14 10.97 -17.46
CA ASN C 148 -0.28 10.25 -16.25
C ASN C 148 -1.79 10.19 -16.09
N ARG C 149 -2.27 9.18 -15.37
CA ARG C 149 -3.70 9.05 -15.13
C ARG C 149 -4.14 9.95 -13.98
N ALA C 150 -5.43 10.24 -13.94
CA ALA C 150 -6.03 11.13 -12.95
C ALA C 150 -5.63 10.89 -11.49
N ALA C 151 -5.36 11.99 -10.79
CA ALA C 151 -5.00 11.95 -9.37
C ALA C 151 -6.22 11.52 -8.55
N PRO C 152 -5.98 10.85 -7.41
CA PRO C 152 -6.99 10.33 -6.48
C PRO C 152 -8.29 11.08 -6.16
N ASN C 153 -8.21 12.33 -5.76
CA ASN C 153 -9.45 13.03 -5.41
C ASN C 153 -9.81 14.17 -6.36
N THR C 154 -9.79 13.88 -7.65
CA THR C 154 -10.10 14.88 -8.64
C THR C 154 -11.32 14.44 -9.46
N ILE C 155 -11.11 13.48 -10.34
CA ILE C 155 -12.19 12.93 -11.16
C ILE C 155 -12.14 11.44 -10.83
N PRO C 156 -13.13 10.94 -10.08
CA PRO C 156 -13.23 9.54 -9.65
C PRO C 156 -12.95 8.52 -10.74
N THR C 157 -11.91 7.73 -10.54
CA THR C 157 -11.51 6.71 -11.50
C THR C 157 -12.29 5.41 -11.37
N ALA C 158 -13.04 5.26 -10.28
CA ALA C 158 -13.84 4.05 -10.07
C ALA C 158 -15.07 4.09 -10.97
N ALA C 159 -15.44 5.30 -11.41
CA ALA C 159 -16.59 5.48 -12.29
C ALA C 159 -16.16 5.43 -13.74
N LYS C 160 -17.00 4.84 -14.58
CA LYS C 160 -16.70 4.75 -15.99
C LYS C 160 -17.55 5.82 -16.68
N ALA C 161 -17.05 7.05 -16.65
CA ALA C 161 -17.73 8.20 -17.23
C ALA C 161 -17.07 8.69 -18.51
N GLY C 162 -17.88 9.33 -19.35
CA GLY C 162 -17.41 9.85 -20.63
C GLY C 162 -16.17 10.72 -20.55
N GLY C 163 -16.23 11.76 -19.71
CA GLY C 163 -15.10 12.67 -19.56
C GLY C 163 -13.76 12.05 -19.19
N ASN C 164 -13.77 10.84 -18.63
CA ASN C 164 -12.54 10.14 -18.25
C ASN C 164 -11.66 9.82 -19.45
N TYR C 165 -12.29 9.53 -20.58
CA TYR C 165 -11.56 9.13 -21.77
C TYR C 165 -10.71 10.11 -22.56
N LEU C 166 -10.60 11.34 -22.08
CA LEU C 166 -9.74 12.31 -22.74
C LEU C 166 -8.33 11.86 -22.37
N SER C 167 -8.22 11.29 -21.18
CA SER C 167 -6.96 10.75 -20.67
C SER C 167 -6.57 9.51 -21.46
N SER C 168 -7.53 8.61 -21.66
CA SER C 168 -7.30 7.39 -22.43
C SER C 168 -6.93 7.70 -23.88
N LEU C 169 -7.50 8.79 -24.40
CA LEU C 169 -7.24 9.22 -25.77
C LEU C 169 -5.77 9.65 -25.87
N LEU C 170 -5.30 10.42 -24.90
CA LEU C 170 -3.92 10.90 -24.87
C LEU C 170 -2.91 9.75 -24.72
N VAL C 171 -3.15 8.87 -23.75
CA VAL C 171 -2.26 7.74 -23.49
C VAL C 171 -2.21 6.79 -24.68
N GLY C 172 -3.38 6.42 -25.19
CA GLY C 172 -3.47 5.50 -26.32
C GLY C 172 -2.97 5.99 -27.66
N SER C 173 -3.22 7.26 -27.96
CA SER C 173 -2.77 7.81 -29.24
C SER C 173 -1.26 8.00 -29.27
N GLU C 174 -0.66 8.32 -28.12
CA GLU C 174 0.79 8.50 -28.06
C GLU C 174 1.49 7.20 -28.42
N ALA C 175 0.97 6.09 -27.92
CA ALA C 175 1.54 4.77 -28.18
C ALA C 175 1.43 4.40 -29.65
N ARG C 176 0.24 4.55 -30.21
CA ARG C 176 -0.01 4.20 -31.61
C ARG C 176 0.75 5.11 -32.59
N ARG C 177 0.99 6.35 -32.17
CA ARG C 177 1.71 7.32 -32.98
C ARG C 177 3.16 6.88 -33.13
N HIS C 178 3.67 6.15 -32.14
CA HIS C 178 5.05 5.67 -32.17
C HIS C 178 5.23 4.21 -32.60
N GLY C 179 4.16 3.60 -33.09
CA GLY C 179 4.24 2.21 -33.56
C GLY C 179 3.86 1.09 -32.61
N TYR C 180 3.39 1.43 -31.41
CA TYR C 180 2.99 0.43 -30.44
C TYR C 180 1.49 0.19 -30.54
N GLN C 181 1.02 -0.93 -29.99
CA GLN C 181 -0.40 -1.25 -30.05
C GLN C 181 -1.22 -0.66 -28.92
N GLU C 182 -0.58 -0.40 -27.78
CA GLU C 182 -1.28 0.17 -26.63
C GLU C 182 -0.32 0.89 -25.69
N GLY C 183 -0.85 1.85 -24.95
CA GLY C 183 -0.04 2.58 -24.01
C GLY C 183 -0.37 2.25 -22.57
N ILE C 184 0.66 2.20 -21.74
CA ILE C 184 0.53 1.92 -20.32
C ILE C 184 0.77 3.23 -19.60
N ALA C 185 -0.15 3.63 -18.73
CA ALA C 185 -0.02 4.87 -17.99
C ALA C 185 0.39 4.66 -16.54
N LEU C 186 1.12 5.64 -16.01
CA LEU C 186 1.55 5.62 -14.62
C LEU C 186 0.63 6.61 -13.90
N ASP C 187 0.55 6.53 -12.58
CA ASP C 187 -0.25 7.49 -11.84
C ASP C 187 0.62 8.73 -11.56
N VAL C 188 0.11 9.67 -10.78
CA VAL C 188 0.86 10.88 -10.47
C VAL C 188 2.10 10.67 -9.59
N ASN C 189 2.16 9.51 -8.96
CA ASN C 189 3.26 9.13 -8.07
C ASN C 189 4.39 8.43 -8.80
N GLY C 190 4.13 8.00 -10.04
CA GLY C 190 5.13 7.30 -10.81
C GLY C 190 5.01 5.79 -10.76
N TYR C 191 3.87 5.29 -10.28
CA TYR C 191 3.61 3.84 -10.20
C TYR C 191 2.74 3.42 -11.36
N ILE C 192 2.73 2.13 -11.67
CA ILE C 192 1.91 1.62 -12.76
C ILE C 192 0.43 1.71 -12.40
N SER C 193 -0.36 2.27 -13.30
CA SER C 193 -1.80 2.39 -13.08
C SER C 193 -2.50 1.31 -13.90
N GLU C 194 -2.49 1.47 -15.21
CA GLU C 194 -3.11 0.51 -16.14
C GLU C 194 -2.91 0.98 -17.57
N GLY C 195 -3.43 0.20 -18.53
CA GLY C 195 -3.34 0.58 -19.92
C GLY C 195 -4.36 1.68 -20.19
N ALA C 196 -4.35 2.23 -21.40
CA ALA C 196 -5.27 3.29 -21.78
C ALA C 196 -6.75 2.94 -21.58
N GLY C 197 -7.07 1.67 -21.83
CA GLY C 197 -8.46 1.22 -21.69
C GLY C 197 -8.56 -0.21 -21.22
N GLU C 198 -7.60 -0.63 -20.39
CA GLU C 198 -7.59 -1.99 -19.85
C GLU C 198 -6.67 -2.15 -18.64
N ASN C 199 -7.04 -3.04 -17.72
CA ASN C 199 -6.25 -3.30 -16.54
C ASN C 199 -4.95 -4.03 -16.86
N LEU C 200 -3.94 -3.81 -16.03
CA LEU C 200 -2.62 -4.39 -16.24
C LEU C 200 -2.32 -5.48 -15.20
N PHE C 201 -1.74 -6.57 -15.68
CA PHE C 201 -1.36 -7.71 -14.84
C PHE C 201 0.07 -8.12 -15.12
N GLU C 202 0.80 -8.49 -14.09
CA GLU C 202 2.18 -8.96 -14.21
C GLU C 202 2.20 -10.38 -13.68
N VAL C 203 3.30 -11.09 -13.90
CA VAL C 203 3.45 -12.45 -13.40
C VAL C 203 4.94 -12.60 -13.12
N LYS C 204 5.29 -12.71 -11.84
CA LYS C 204 6.68 -12.88 -11.48
C LYS C 204 7.01 -14.35 -11.27
N ASP C 205 7.34 -14.78 -10.06
CA ASP C 205 7.68 -16.20 -9.90
C ASP C 205 6.45 -17.07 -9.71
N GLY C 206 5.64 -17.16 -10.76
CA GLY C 206 4.41 -17.93 -10.69
C GLY C 206 3.30 -17.20 -9.94
N VAL C 207 3.54 -15.97 -9.53
CA VAL C 207 2.56 -15.17 -8.81
C VAL C 207 2.01 -14.05 -9.71
N LEU C 208 0.71 -13.79 -9.58
CA LEU C 208 0.06 -12.77 -10.39
C LEU C 208 0.54 -11.32 -10.28
N PHE C 209 -0.10 -10.49 -9.46
CA PHE C 209 0.23 -9.06 -9.30
C PHE C 209 -0.59 -8.11 -10.16
N THR C 210 -1.32 -7.20 -9.50
CA THR C 210 -2.12 -6.16 -10.17
C THR C 210 -2.16 -4.95 -9.27
N PRO C 211 -2.20 -3.75 -9.86
CA PRO C 211 -2.27 -2.53 -9.07
C PRO C 211 -3.64 -2.41 -8.43
N PRO C 212 -3.71 -1.85 -7.21
CA PRO C 212 -4.98 -1.68 -6.53
C PRO C 212 -5.75 -0.51 -7.16
N PHE C 213 -7.02 -0.34 -6.79
CA PHE C 213 -7.82 0.75 -7.36
C PHE C 213 -7.22 2.10 -7.03
N THR C 214 -6.51 2.18 -5.90
CA THR C 214 -5.88 3.41 -5.43
C THR C 214 -4.73 3.89 -6.32
N SER C 215 -4.35 3.08 -7.30
CA SER C 215 -3.30 3.47 -8.23
C SER C 215 -3.99 4.06 -9.47
N SER C 216 -5.21 4.53 -9.26
CA SER C 216 -6.03 5.13 -10.31
C SER C 216 -6.44 4.13 -11.38
N ALA C 217 -6.54 2.87 -10.97
CA ALA C 217 -6.94 1.79 -11.86
C ALA C 217 -8.43 1.52 -11.65
N LEU C 218 -9.18 1.51 -12.76
CA LEU C 218 -10.63 1.25 -12.70
C LEU C 218 -10.88 -0.21 -12.28
N PRO C 219 -11.86 -0.42 -11.39
CA PRO C 219 -12.21 -1.75 -10.88
C PRO C 219 -12.86 -2.59 -11.98
N GLY C 220 -12.05 -3.08 -12.91
CA GLY C 220 -12.54 -3.87 -14.03
C GLY C 220 -13.27 -5.16 -13.67
N ILE C 221 -14.30 -5.46 -14.44
CA ILE C 221 -15.09 -6.66 -14.26
C ILE C 221 -14.27 -7.86 -14.72
N THR C 222 -13.51 -7.68 -15.79
CA THR C 222 -12.66 -8.75 -16.31
C THR C 222 -11.53 -8.99 -15.31
N ARG C 223 -11.01 -7.90 -14.76
CA ARG C 223 -9.95 -7.96 -13.77
C ARG C 223 -10.42 -8.82 -12.59
N ASP C 224 -11.62 -8.57 -12.13
CA ASP C 224 -12.22 -9.30 -11.01
C ASP C 224 -12.40 -10.77 -11.33
N ALA C 225 -12.84 -11.06 -12.55
CA ALA C 225 -13.06 -12.44 -12.99
C ALA C 225 -11.74 -13.22 -13.04
N ILE C 226 -10.69 -12.56 -13.54
CA ILE C 226 -9.37 -13.18 -13.65
C ILE C 226 -8.79 -13.50 -12.26
N ILE C 227 -9.03 -12.63 -11.29
CA ILE C 227 -8.54 -12.86 -9.92
C ILE C 227 -9.25 -14.07 -9.31
N LYS C 228 -10.55 -14.20 -9.60
CA LYS C 228 -11.34 -15.31 -9.08
C LYS C 228 -11.01 -16.61 -9.79
N LEU C 229 -10.68 -16.52 -11.08
CA LEU C 229 -10.31 -17.68 -11.87
C LEU C 229 -8.95 -18.20 -11.41
N ALA C 230 -8.02 -17.28 -11.22
CA ALA C 230 -6.67 -17.64 -10.78
C ALA C 230 -6.71 -18.36 -9.43
N LYS C 231 -7.58 -17.92 -8.53
CA LYS C 231 -7.70 -18.55 -7.22
C LYS C 231 -8.20 -19.99 -7.35
N GLU C 232 -8.96 -20.25 -8.41
CA GLU C 232 -9.49 -21.59 -8.67
C GLU C 232 -8.39 -22.48 -9.21
N LEU C 233 -7.48 -21.89 -9.97
CA LEU C 233 -6.36 -22.61 -10.56
C LEU C 233 -5.22 -22.79 -9.55
N GLY C 234 -5.39 -22.23 -8.35
CA GLY C 234 -4.35 -22.33 -7.33
C GLY C 234 -3.16 -21.42 -7.56
N ILE C 235 -3.41 -20.28 -8.20
CA ILE C 235 -2.37 -19.30 -8.50
C ILE C 235 -2.48 -18.18 -7.47
N GLU C 236 -1.35 -17.80 -6.86
CA GLU C 236 -1.36 -16.75 -5.87
C GLU C 236 -1.54 -15.39 -6.53
N VAL C 237 -2.46 -14.59 -5.99
CA VAL C 237 -2.72 -13.26 -6.52
C VAL C 237 -2.35 -12.21 -5.49
N ARG C 238 -1.61 -11.20 -5.94
CA ARG C 238 -1.22 -10.10 -5.07
C ARG C 238 -1.63 -8.77 -5.67
N GLU C 239 -2.39 -8.03 -4.88
CA GLU C 239 -2.89 -6.73 -5.28
C GLU C 239 -2.00 -5.70 -4.58
N GLN C 240 -0.98 -5.22 -5.28
CA GLN C 240 -0.08 -4.25 -4.68
C GLN C 240 0.41 -3.21 -5.68
N VAL C 241 0.90 -2.10 -5.14
CA VAL C 241 1.42 -1.02 -5.96
C VAL C 241 2.66 -1.56 -6.68
N LEU C 242 2.76 -1.29 -7.98
CA LEU C 242 3.88 -1.77 -8.78
C LEU C 242 4.70 -0.61 -9.35
N SER C 243 6.02 -0.76 -9.32
CA SER C 243 6.93 0.26 -9.84
C SER C 243 7.06 0.12 -11.34
N ARG C 244 7.57 1.14 -12.03
CA ARG C 244 7.70 1.06 -13.47
C ARG C 244 8.67 -0.02 -13.95
N GLU C 245 9.77 -0.19 -13.23
CA GLU C 245 10.80 -1.17 -13.55
C GLU C 245 10.30 -2.60 -13.55
N SER C 246 9.26 -2.86 -12.75
CA SER C 246 8.71 -4.21 -12.65
C SER C 246 8.25 -4.77 -13.99
N LEU C 247 7.89 -3.88 -14.92
CA LEU C 247 7.45 -4.30 -16.26
C LEU C 247 8.60 -4.94 -17.03
N TYR C 248 9.81 -4.52 -16.72
CA TYR C 248 11.00 -5.03 -17.39
C TYR C 248 11.53 -6.30 -16.74
N LEU C 249 11.16 -6.53 -15.49
CA LEU C 249 11.62 -7.69 -14.74
C LEU C 249 10.60 -8.82 -14.66
N ALA C 250 9.37 -8.54 -15.08
CA ALA C 250 8.31 -9.54 -15.04
C ALA C 250 8.52 -10.65 -16.04
N ASP C 251 8.09 -11.85 -15.65
CA ASP C 251 8.20 -13.02 -16.53
C ASP C 251 7.09 -12.93 -17.58
N GLU C 252 5.95 -12.40 -17.17
CA GLU C 252 4.81 -12.23 -18.06
C GLU C 252 4.02 -10.98 -17.69
N VAL C 253 3.35 -10.41 -18.68
CA VAL C 253 2.50 -9.25 -18.46
C VAL C 253 1.39 -9.27 -19.50
N PHE C 254 0.17 -9.04 -19.04
CA PHE C 254 -0.99 -9.00 -19.93
C PHE C 254 -2.03 -7.99 -19.49
N MET C 255 -2.92 -7.64 -20.41
CA MET C 255 -3.97 -6.67 -20.14
C MET C 255 -5.35 -7.33 -20.21
N SER C 256 -6.30 -6.79 -19.46
CA SER C 256 -7.66 -7.31 -19.42
C SER C 256 -8.70 -6.20 -19.61
N GLY C 257 -9.84 -6.57 -20.18
CA GLY C 257 -10.92 -5.63 -20.41
C GLY C 257 -12.03 -6.36 -21.15
N THR C 258 -13.22 -5.77 -21.19
CA THR C 258 -14.34 -6.41 -21.88
C THR C 258 -14.07 -6.51 -23.38
N ALA C 259 -13.58 -5.42 -23.98
CA ALA C 259 -13.27 -5.38 -25.39
C ALA C 259 -11.94 -6.06 -25.70
N ALA C 260 -10.96 -5.85 -24.82
CA ALA C 260 -9.63 -6.42 -25.01
C ALA C 260 -9.52 -7.86 -24.53
N GLU C 261 -10.51 -8.30 -23.75
CA GLU C 261 -10.51 -9.65 -23.19
C GLU C 261 -9.21 -9.87 -22.42
N ILE C 262 -8.38 -10.83 -22.84
CA ILE C 262 -7.11 -11.08 -22.16
C ILE C 262 -6.02 -11.06 -23.22
N THR C 263 -5.32 -9.92 -23.31
CA THR C 263 -4.26 -9.74 -24.30
C THR C 263 -2.85 -9.75 -23.73
N PRO C 264 -2.02 -10.72 -24.14
CA PRO C 264 -0.64 -10.75 -23.63
C PRO C 264 0.21 -9.62 -24.22
N VAL C 265 1.15 -9.13 -23.42
CA VAL C 265 2.06 -8.08 -23.85
C VAL C 265 3.45 -8.71 -24.01
N ARG C 266 3.94 -8.78 -25.24
CA ARG C 266 5.25 -9.38 -25.49
C ARG C 266 6.44 -8.45 -25.31
N SER C 267 6.20 -7.15 -25.21
CA SER C 267 7.28 -6.18 -25.00
C SER C 267 6.78 -4.85 -24.46
N VAL C 268 7.62 -4.20 -23.65
CA VAL C 268 7.31 -2.90 -23.06
C VAL C 268 8.50 -2.00 -23.33
N ASP C 269 8.28 -0.91 -24.07
CA ASP C 269 9.31 0.05 -24.43
C ASP C 269 10.45 -0.56 -25.25
N GLY C 270 10.15 -1.58 -26.05
CA GLY C 270 11.18 -2.20 -26.86
C GLY C 270 11.96 -3.28 -26.12
N ILE C 271 11.59 -3.52 -24.86
CA ILE C 271 12.23 -4.53 -24.03
C ILE C 271 11.32 -5.76 -23.99
N GLN C 272 11.82 -6.85 -24.52
CA GLN C 272 11.08 -8.11 -24.60
C GLN C 272 10.72 -8.70 -23.23
N VAL C 273 9.47 -9.16 -23.12
CA VAL C 273 8.98 -9.76 -21.88
C VAL C 273 9.13 -11.27 -22.01
N GLY C 274 10.16 -11.79 -21.34
CA GLY C 274 10.48 -13.22 -21.33
C GLY C 274 10.00 -14.07 -22.49
N GLU C 275 10.88 -14.31 -23.47
CA GLU C 275 10.56 -15.14 -24.65
C GLU C 275 9.86 -14.42 -25.79
N GLY C 276 9.16 -13.32 -25.47
CA GLY C 276 8.48 -12.56 -26.50
C GLY C 276 7.21 -13.17 -27.07
N ARG C 277 6.64 -14.13 -26.34
CA ARG C 277 5.39 -14.77 -26.78
C ARG C 277 4.50 -14.85 -25.55
N CYS C 278 3.29 -15.35 -25.75
CA CYS C 278 2.33 -15.52 -24.67
C CYS C 278 2.93 -16.49 -23.64
N GLY C 279 2.96 -16.06 -22.38
CA GLY C 279 3.52 -16.89 -21.33
C GLY C 279 2.62 -18.01 -20.83
N PRO C 280 3.18 -18.95 -20.04
CA PRO C 280 2.50 -20.11 -19.46
C PRO C 280 1.27 -19.79 -18.61
N VAL C 281 1.43 -18.89 -17.64
CA VAL C 281 0.34 -18.50 -16.76
C VAL C 281 -0.77 -17.77 -17.51
N THR C 282 -0.38 -16.90 -18.44
CA THR C 282 -1.34 -16.14 -19.23
C THR C 282 -2.16 -17.13 -20.04
N LYS C 283 -1.50 -18.15 -20.57
CA LYS C 283 -2.14 -19.20 -21.36
C LYS C 283 -3.18 -19.96 -20.54
N ARG C 284 -2.80 -20.38 -19.34
CA ARG C 284 -3.71 -21.13 -18.47
C ARG C 284 -4.96 -20.30 -18.18
N ILE C 285 -4.77 -19.01 -17.93
CA ILE C 285 -5.88 -18.10 -17.63
C ILE C 285 -6.77 -17.87 -18.84
N GLN C 286 -6.17 -17.77 -20.03
CA GLN C 286 -6.93 -17.58 -21.25
C GLN C 286 -7.83 -18.79 -21.49
N GLN C 287 -7.24 -19.98 -21.39
CA GLN C 287 -7.97 -21.23 -21.58
C GLN C 287 -9.10 -21.40 -20.57
N ALA C 288 -8.86 -20.96 -19.33
CA ALA C 288 -9.86 -21.05 -18.27
C ALA C 288 -11.00 -20.05 -18.51
N PHE C 289 -10.65 -18.88 -19.03
CA PHE C 289 -11.63 -17.83 -19.32
C PHE C 289 -12.53 -18.23 -20.49
N PHE C 290 -11.92 -18.56 -21.63
CA PHE C 290 -12.69 -18.96 -22.81
C PHE C 290 -13.37 -20.31 -22.62
N GLY C 291 -12.88 -21.11 -21.68
CA GLY C 291 -13.47 -22.40 -21.40
C GLY C 291 -14.87 -22.27 -20.82
N LEU C 292 -15.21 -21.10 -20.30
CA LEU C 292 -16.53 -20.84 -19.73
C LEU C 292 -17.64 -20.90 -20.78
N PHE C 293 -17.28 -20.59 -22.02
CA PHE C 293 -18.24 -20.57 -23.13
C PHE C 293 -18.26 -21.86 -23.92
N THR C 294 -17.43 -22.81 -23.49
CA THR C 294 -17.34 -24.12 -24.13
C THR C 294 -17.87 -25.19 -23.20
N GLY C 295 -17.95 -24.85 -21.92
CA GLY C 295 -18.43 -25.80 -20.92
C GLY C 295 -17.29 -26.44 -20.17
N GLU C 296 -16.06 -26.31 -20.69
CA GLU C 296 -14.88 -26.88 -20.06
C GLU C 296 -14.67 -26.30 -18.66
N THR C 297 -14.93 -25.01 -18.50
CA THR C 297 -14.80 -24.34 -17.22
C THR C 297 -16.20 -24.20 -16.65
N GLU C 298 -16.44 -24.78 -15.49
CA GLU C 298 -17.74 -24.73 -14.84
C GLU C 298 -18.02 -23.32 -14.32
N ASP C 299 -19.20 -22.82 -14.62
CA ASP C 299 -19.60 -21.50 -14.17
C ASP C 299 -20.10 -21.56 -12.72
N LYS C 300 -19.17 -21.56 -11.77
CA LYS C 300 -19.53 -21.65 -10.35
C LYS C 300 -20.13 -20.38 -9.78
N TRP C 301 -19.85 -19.25 -10.41
CA TRP C 301 -20.33 -17.96 -9.91
C TRP C 301 -21.61 -17.43 -10.55
N GLY C 302 -22.06 -18.06 -11.64
CA GLY C 302 -23.26 -17.61 -12.30
C GLY C 302 -22.99 -16.37 -13.15
N TRP C 303 -21.85 -16.38 -13.83
CA TRP C 303 -21.42 -15.29 -14.69
C TRP C 303 -22.09 -15.28 -16.07
N LEU C 304 -22.67 -16.40 -16.47
CA LEU C 304 -23.31 -16.48 -17.78
C LEU C 304 -24.82 -16.26 -17.70
N ASP C 305 -25.28 -15.14 -18.24
CA ASP C 305 -26.70 -14.80 -18.24
C ASP C 305 -27.29 -15.09 -19.61
N GLN C 306 -28.22 -16.04 -19.68
CA GLN C 306 -28.85 -16.42 -20.93
C GLN C 306 -29.72 -15.34 -21.55
N VAL C 307 -29.52 -15.12 -22.85
CA VAL C 307 -30.31 -14.15 -23.59
C VAL C 307 -31.68 -14.78 -23.92
N ASN C 308 -31.63 -16.09 -24.23
CA ASN C 308 -32.77 -16.91 -24.63
C ASN C 308 -33.01 -16.70 -26.14
N1 PLP D . 20.01 -1.26 -0.50
C2 PLP D . 21.08 -0.58 -1.00
C2A PLP D . 20.95 0.89 -1.35
C3 PLP D . 22.28 -1.26 -1.18
O3 PLP D . 23.41 -0.56 -1.57
C4 PLP D . 22.37 -2.60 -0.86
C4A PLP D . 23.66 -3.35 -1.13
C5 PLP D . 21.25 -3.27 -0.38
C6 PLP D . 20.10 -2.59 -0.19
C5A PLP D . 21.32 -4.71 0.03
O4P PLP D . 21.11 -5.58 -1.06
P PLP D . 21.75 -7.04 -1.05
O1P PLP D . 23.22 -6.87 -1.03
O2P PLP D . 21.42 -7.64 -2.48
O3P PLP D . 21.08 -7.81 -0.01
N 2ML E . 24.90 -2.71 -1.01
CA 2ML E . 26.15 -3.41 -1.39
CB1 2ML E . 27.24 -2.35 -1.16
CB2 2ML E . 26.13 -3.74 -2.89
CG 2ML E . 27.76 -2.07 0.25
CD1 2ML E . 29.02 -1.23 0.17
CD2 2ML E . 26.68 -1.42 1.10
C 2ML E . 26.40 -4.69 -0.55
O 2ML E . 27.03 -5.62 -1.08
OXT 2ML E . 25.96 -4.75 0.63
N1 PLP F . -8.37 8.84 15.76
C2 PLP F . -8.41 10.03 16.38
C2A PLP F . -7.93 11.29 15.63
C3 PLP F . -8.86 10.10 17.65
O3 PLP F . -8.99 11.34 18.24
C4 PLP F . -9.29 8.95 18.31
C4A PLP F . -9.71 8.97 19.80
C5 PLP F . -9.23 7.77 17.66
C6 PLP F . -8.77 7.72 16.39
C5A PLP F . -9.77 6.52 18.30
O4P PLP F . -8.77 5.93 19.10
P PLP F . -9.18 4.96 20.24
O1P PLP F . -9.86 5.69 21.31
O2P PLP F . -7.75 4.57 20.71
O3P PLP F . -9.82 3.79 19.65
N 2ML G . -10.02 10.15 20.45
CA 2ML G . -10.31 10.19 21.89
CB1 2ML G . -10.64 11.67 22.15
CB2 2ML G . -9.02 9.81 22.63
CG 2ML G . -12.01 12.23 21.69
CD1 2ML G . -12.38 13.47 22.50
CD2 2ML G . -12.00 12.51 20.20
C 2ML G . -11.46 9.26 22.30
O 2ML G . -11.52 8.91 23.50
OXT 2ML G . -12.31 8.92 21.44
N1 PLP H . -9.86 0.43 -17.36
C2 PLP H . -10.40 1.34 -18.22
C2A PLP H . -9.90 2.81 -18.21
C3 PLP H . -11.40 0.94 -19.10
O3 PLP H . -11.88 1.84 -20.05
C4 PLP H . -11.85 -0.36 -19.11
C4A PLP H . -12.98 -0.76 -20.10
C5 PLP H . -11.29 -1.26 -18.22
C6 PLP H . -10.31 -0.85 -17.35
C5A PLP H . -11.69 -2.67 -18.21
O4P PLP H . -12.91 -2.75 -17.53
P PLP H . -13.79 -4.01 -17.78
O1P PLP H . -14.38 -3.88 -19.09
O2P PLP H . -14.86 -3.86 -16.65
O3P PLP H . -13.00 -5.20 -17.45
N 2ML I . -13.09 -0.22 -21.40
CA 2ML I . -14.26 -0.53 -22.24
CB1 2ML I . -14.08 0.37 -23.47
CB2 2ML I . -15.54 -0.08 -21.50
CG 2ML I . -13.09 -0.01 -24.58
CD1 2ML I . -13.40 0.84 -25.82
CD2 2ML I . -11.63 0.16 -24.10
C 2ML I . -14.37 -2.02 -22.63
O 2ML I . -15.51 -2.47 -22.88
OXT 2ML I . -13.33 -2.71 -22.66
#